data_7BIZ
#
_entry.id   7BIZ
#
_cell.length_a   128.052
_cell.length_b   128.052
_cell.length_c   135.051
_cell.angle_alpha   90.000
_cell.angle_beta   90.000
_cell.angle_gamma   120.000
#
_symmetry.space_group_name_H-M   'P 31 2 1'
#
loop_
_entity.id
_entity.type
_entity.pdbx_description
1 polymer 'Cell surface protein'
2 non-polymer CYANOCOBALAMIN
3 non-polymer 'CALCIUM ION'
4 non-polymer 'POLYETHYLENE GLYCOL (N=34)'
5 non-polymer 'SODIUM ION'
6 non-polymer '2-(N-MORPHOLINO)-ETHANESULFONIC ACID'
7 water water
#
_entity_poly.entity_id   1
_entity_poly.type   'polypeptide(L)'
_entity_poly.pdbx_seq_one_letter_code
;MGAEEELKVEVKELTPPVISLALPSQGLKVVRNTDYTFTPDIQHSDVEGFKIEWVREGKIVSTENTYTFNEKELGVYTVT
INASNIDGTTTKDVSVEVVETMPYVVKFPTPSYLQTSTDRYTFADRPVFLRPLLEYFDNPRFEWSVDGQVMEGEVERMFK
FTPSAPGEYTVSCTVSEDTPTEKISRNIDKGKTAVTATVKVVCVDKKEQDGFRASGSSKLWNKVYEYTPAPGQFINETST
IGGMTGNETSPEAAVAWATQRLKDKLHVSLGSFGGYIIVGFDHSIPNSGNQYDFCVQGNAFDGSSEPGIVWVMQDINGNG
LPDDEWYELKGSEAGKEETIQNFEVTYYRPEGKKMDVQWISSDGRNGWVDYLSAYHTQDYYYPAWISENSYTLTGTCLAA
RNTQDSQTGYWDNQSYDWGYVDNFGNDQIEGGSTVDGSGQRNGFKISNAIHADGTEANLQYIDFIKIQCGVLAKSGWLGE
VSTEVFSFEDLTKLEHHHHHH
;
_entity_poly.pdbx_strand_id   A,B
#
# COMPACT_ATOMS: atom_id res chain seq x y z
N THR A 15 -30.26 6.07 -54.18
CA THR A 15 -29.00 6.55 -53.63
C THR A 15 -28.67 5.85 -52.29
N PRO A 16 -28.15 4.62 -52.38
CA PRO A 16 -27.80 3.85 -51.18
C PRO A 16 -26.64 4.49 -50.44
N PRO A 17 -26.29 4.02 -49.24
CA PRO A 17 -25.19 4.62 -48.50
C PRO A 17 -23.84 4.14 -49.01
N VAL A 18 -22.83 4.97 -48.80
CA VAL A 18 -21.45 4.60 -49.08
C VAL A 18 -20.66 4.76 -47.80
N ILE A 19 -19.65 3.91 -47.62
CA ILE A 19 -18.88 3.82 -46.39
C ILE A 19 -17.51 4.41 -46.63
N SER A 20 -17.14 5.39 -45.81
CA SER A 20 -15.80 5.98 -45.83
C SER A 20 -15.14 5.68 -44.49
N LEU A 21 -13.97 5.03 -44.53
CA LEU A 21 -13.24 4.72 -43.31
C LEU A 21 -11.76 4.80 -43.65
N ALA A 22 -11.13 5.91 -43.29
CA ALA A 22 -9.75 6.17 -43.68
C ALA A 22 -8.80 5.28 -42.90
N LEU A 23 -7.83 4.70 -43.60
CA LEU A 23 -6.74 3.96 -42.97
C LEU A 23 -5.42 4.70 -43.14
N PRO A 24 -4.45 4.44 -42.26
CA PRO A 24 -3.09 4.92 -42.53
C PRO A 24 -2.61 4.38 -43.88
N SER A 25 -1.78 5.17 -44.56
CA SER A 25 -1.34 4.76 -45.89
C SER A 25 -0.53 3.47 -45.84
N GLN A 26 0.13 3.20 -44.72
CA GLN A 26 0.90 1.96 -44.55
C GLN A 26 0.02 0.76 -44.16
N GLY A 27 -1.29 0.93 -44.10
CA GLY A 27 -2.17 -0.08 -43.56
C GLY A 27 -2.45 0.16 -42.09
N LEU A 28 -3.34 -0.68 -41.55
CA LEU A 28 -3.77 -0.56 -40.15
C LEU A 28 -2.97 -1.58 -39.32
N LYS A 29 -1.94 -1.09 -38.64
CA LYS A 29 -1.06 -1.93 -37.84
C LYS A 29 -1.22 -1.49 -36.38
N VAL A 30 -1.71 -2.39 -35.54
CA VAL A 30 -2.24 -2.03 -34.23
C VAL A 30 -1.54 -2.84 -33.15
N VAL A 31 -1.79 -2.44 -31.90
CA VAL A 31 -1.23 -3.06 -30.71
C VAL A 31 -2.20 -4.09 -30.17
N ARG A 32 -1.67 -5.22 -29.70
CA ARG A 32 -2.49 -6.23 -29.04
C ARG A 32 -3.13 -5.68 -27.76
N ASN A 33 -4.25 -6.29 -27.38
CA ASN A 33 -4.93 -6.00 -26.10
C ASN A 33 -5.29 -4.52 -25.96
N THR A 34 -5.61 -3.88 -27.08
CA THR A 34 -5.85 -2.45 -27.10
C THR A 34 -7.11 -2.15 -27.89
N ASP A 35 -7.97 -1.29 -27.35
CA ASP A 35 -9.22 -0.91 -27.99
C ASP A 35 -8.97 0.04 -29.16
N TYR A 36 -9.48 -0.32 -30.34
CA TYR A 36 -9.53 0.60 -31.47
C TYR A 36 -10.99 0.78 -31.85
N THR A 37 -11.46 2.02 -31.83
CA THR A 37 -12.85 2.34 -32.13
C THR A 37 -12.92 2.83 -33.56
N PHE A 38 -13.80 2.20 -34.34
CA PHE A 38 -14.00 2.53 -35.74
C PHE A 38 -15.27 3.36 -35.87
N THR A 39 -15.15 4.55 -36.44
CA THR A 39 -16.28 5.46 -36.60
C THR A 39 -16.37 5.83 -38.07
N PRO A 40 -17.02 5.01 -38.89
CA PRO A 40 -17.08 5.28 -40.33
C PRO A 40 -18.05 6.40 -40.64
N ASP A 41 -17.72 7.18 -41.66
CA ASP A 41 -18.66 8.12 -42.25
C ASP A 41 -19.60 7.36 -43.17
N ILE A 42 -20.89 7.51 -42.94
CA ILE A 42 -21.90 6.85 -43.78
C ILE A 42 -22.64 7.95 -44.52
N GLN A 43 -22.25 8.18 -45.77
CA GLN A 43 -23.02 9.06 -46.64
C GLN A 43 -24.40 8.45 -46.85
N HIS A 44 -25.40 9.32 -47.01
CA HIS A 44 -26.79 8.91 -47.14
C HIS A 44 -27.27 8.11 -45.92
N SER A 45 -26.72 8.45 -44.75
CA SER A 45 -27.28 7.94 -43.50
C SER A 45 -28.67 8.50 -43.25
N ASP A 46 -29.06 9.54 -43.99
CA ASP A 46 -30.36 10.19 -43.84
C ASP A 46 -31.50 9.34 -44.38
N VAL A 47 -31.20 8.47 -45.36
CA VAL A 47 -32.24 7.72 -46.05
C VAL A 47 -33.04 6.87 -45.08
N GLU A 48 -34.33 6.70 -45.37
CA GLU A 48 -35.20 5.89 -44.55
C GLU A 48 -34.80 4.42 -44.64
N GLY A 49 -34.94 3.71 -43.52
CA GLY A 49 -34.59 2.30 -43.48
C GLY A 49 -33.11 2.04 -43.32
N PHE A 50 -32.39 2.93 -42.65
CA PHE A 50 -30.94 2.77 -42.49
C PHE A 50 -30.65 1.77 -41.38
N LYS A 51 -29.90 0.72 -41.73
CA LYS A 51 -29.32 -0.21 -40.77
C LYS A 51 -27.85 -0.37 -41.08
N ILE A 52 -27.07 -0.67 -40.05
CA ILE A 52 -25.64 -0.95 -40.21
C ILE A 52 -25.30 -2.18 -39.38
N GLU A 53 -24.44 -3.04 -39.92
CA GLU A 53 -24.00 -4.24 -39.24
C GLU A 53 -22.49 -4.37 -39.34
N TRP A 54 -21.87 -4.89 -38.28
CA TRP A 54 -20.46 -5.25 -38.25
C TRP A 54 -20.38 -6.76 -38.18
N VAL A 55 -19.66 -7.37 -39.12
CA VAL A 55 -19.57 -8.82 -39.25
C VAL A 55 -18.11 -9.23 -39.14
N ARG A 56 -17.85 -10.23 -38.30
CA ARG A 56 -16.50 -10.80 -38.15
C ARG A 56 -16.61 -12.31 -38.12
N GLU A 57 -15.86 -12.97 -39.02
CA GLU A 57 -15.87 -14.43 -39.16
C GLU A 57 -17.30 -14.98 -39.19
N GLY A 58 -18.14 -14.34 -40.01
CA GLY A 58 -19.50 -14.80 -40.24
C GLY A 58 -20.58 -14.22 -39.34
N LYS A 59 -20.26 -13.96 -38.08
CA LYS A 59 -21.26 -13.52 -37.12
C LYS A 59 -21.30 -11.99 -37.02
N ILE A 60 -22.49 -11.48 -36.67
CA ILE A 60 -22.68 -10.05 -36.48
C ILE A 60 -22.23 -9.68 -35.08
N VAL A 61 -21.24 -8.80 -34.98
CA VAL A 61 -20.69 -8.42 -33.68
C VAL A 61 -21.25 -7.09 -33.16
N SER A 62 -21.93 -6.32 -34.01
CA SER A 62 -22.47 -5.03 -33.60
C SER A 62 -23.43 -4.53 -34.66
N THR A 63 -24.38 -3.69 -34.22
CA THR A 63 -25.28 -2.98 -35.12
C THR A 63 -25.24 -1.47 -34.86
N GLU A 64 -24.27 -0.99 -34.09
CA GLU A 64 -24.15 0.43 -33.83
C GLU A 64 -23.37 1.12 -34.95
N ASN A 65 -23.39 2.45 -34.92
CA ASN A 65 -22.65 3.22 -35.92
C ASN A 65 -21.15 3.13 -35.72
N THR A 66 -20.69 2.82 -34.51
CA THR A 66 -19.28 2.61 -34.22
C THR A 66 -19.09 1.22 -33.62
N TYR A 67 -17.85 0.73 -33.69
CA TYR A 67 -17.52 -0.60 -33.20
C TYR A 67 -16.07 -0.60 -32.72
N THR A 68 -15.82 -1.29 -31.61
CA THR A 68 -14.49 -1.28 -31.01
C THR A 68 -13.88 -2.67 -31.01
N PHE A 69 -12.65 -2.74 -31.54
CA PHE A 69 -11.86 -3.94 -31.75
C PHE A 69 -10.79 -4.04 -30.67
N ASN A 70 -10.50 -5.26 -30.21
CA ASN A 70 -9.41 -5.53 -29.28
C ASN A 70 -9.09 -7.02 -29.37
N GLU A 71 -7.87 -7.37 -29.81
CA GLU A 71 -7.49 -8.78 -29.88
C GLU A 71 -6.15 -9.04 -29.23
N LYS A 72 -6.03 -10.24 -28.64
CA LYS A 72 -4.82 -10.63 -27.93
C LYS A 72 -3.74 -11.16 -28.87
N GLU A 73 -4.13 -11.96 -29.86
CA GLU A 73 -3.16 -12.68 -30.69
C GLU A 73 -2.73 -11.84 -31.88
N LEU A 74 -1.42 -11.85 -32.15
CA LEU A 74 -0.90 -11.23 -33.36
C LEU A 74 -1.50 -11.92 -34.59
N GLY A 75 -1.80 -11.12 -35.62
CA GLY A 75 -2.33 -11.67 -36.84
C GLY A 75 -3.17 -10.65 -37.58
N VAL A 76 -3.77 -11.09 -38.67
CA VAL A 76 -4.58 -10.24 -39.52
C VAL A 76 -6.03 -10.64 -39.35
N TYR A 77 -6.85 -9.68 -38.96
CA TYR A 77 -8.28 -9.85 -38.74
C TYR A 77 -9.06 -9.03 -39.77
N THR A 78 -10.07 -9.64 -40.37
CA THR A 78 -10.95 -8.95 -41.30
C THR A 78 -12.24 -8.54 -40.60
N VAL A 79 -12.60 -7.27 -40.71
CA VAL A 79 -13.86 -6.74 -40.18
C VAL A 79 -14.66 -6.20 -41.35
N THR A 80 -15.90 -6.67 -41.49
CA THR A 80 -16.76 -6.29 -42.60
C THR A 80 -17.87 -5.37 -42.11
N ILE A 81 -18.08 -4.27 -42.81
CA ILE A 81 -19.17 -3.34 -42.52
C ILE A 81 -20.23 -3.50 -43.61
N ASN A 82 -21.49 -3.57 -43.19
CA ASN A 82 -22.63 -3.61 -44.11
C ASN A 82 -23.61 -2.52 -43.71
N ALA A 83 -24.00 -1.69 -44.68
CA ALA A 83 -24.96 -0.62 -44.45
C ALA A 83 -26.05 -0.69 -45.52
N SER A 84 -27.30 -0.52 -45.09
CA SER A 84 -28.45 -0.66 -45.98
C SER A 84 -29.39 0.52 -45.80
N ASN A 85 -30.15 0.80 -46.86
CA ASN A 85 -31.34 1.64 -46.79
C ASN A 85 -32.28 1.21 -47.92
N ILE A 86 -33.35 1.96 -48.11
CA ILE A 86 -34.36 1.58 -49.10
C ILE A 86 -33.88 1.73 -50.54
N ASP A 87 -32.68 2.27 -50.75
CA ASP A 87 -32.15 2.50 -52.09
C ASP A 87 -31.12 1.46 -52.53
N GLY A 88 -30.73 0.54 -51.66
CA GLY A 88 -29.72 -0.43 -51.98
C GLY A 88 -28.87 -0.74 -50.75
N THR A 89 -27.79 -1.46 -50.99
CA THR A 89 -26.88 -1.88 -49.93
C THR A 89 -25.45 -1.49 -50.30
N THR A 90 -24.52 -1.77 -49.38
CA THR A 90 -23.11 -1.51 -49.58
C THR A 90 -22.33 -2.34 -48.56
N THR A 91 -21.03 -2.50 -48.82
CA THR A 91 -20.17 -3.26 -47.93
C THR A 91 -18.75 -2.74 -48.02
N LYS A 92 -18.00 -2.94 -46.94
CA LYS A 92 -16.59 -2.57 -46.88
C LYS A 92 -15.84 -3.58 -46.01
N ASP A 93 -14.57 -3.80 -46.35
CA ASP A 93 -13.70 -4.70 -45.60
C ASP A 93 -12.51 -3.91 -45.08
N VAL A 94 -12.30 -3.93 -43.77
CA VAL A 94 -11.12 -3.32 -43.16
C VAL A 94 -10.21 -4.43 -42.66
N SER A 95 -8.93 -4.34 -43.00
CA SER A 95 -7.92 -5.31 -42.58
C SER A 95 -7.17 -4.73 -41.38
N VAL A 96 -7.34 -5.36 -40.23
CA VAL A 96 -6.70 -4.92 -38.98
C VAL A 96 -5.57 -5.88 -38.70
N GLU A 97 -4.33 -5.38 -38.77
CA GLU A 97 -3.15 -6.20 -38.54
C GLU A 97 -2.65 -5.95 -37.12
N VAL A 98 -2.78 -6.96 -36.26
CA VAL A 98 -2.26 -6.84 -34.90
C VAL A 98 -0.78 -7.23 -34.96
N VAL A 99 0.10 -6.23 -34.85
CA VAL A 99 1.52 -6.45 -35.09
C VAL A 99 2.40 -6.06 -33.91
N GLU A 100 1.95 -5.21 -32.97
CA GLU A 100 2.81 -4.77 -31.88
C GLU A 100 2.37 -5.34 -30.55
N THR A 101 3.33 -5.59 -29.69
CA THR A 101 3.03 -5.96 -28.32
C THR A 101 3.31 -4.77 -27.40
N MET A 102 2.73 -4.83 -26.21
CA MET A 102 3.05 -3.93 -25.11
C MET A 102 3.21 -4.80 -23.87
N PRO A 103 3.93 -4.33 -22.84
CA PRO A 103 4.28 -5.22 -21.73
C PRO A 103 3.16 -5.45 -20.73
N TYR A 104 1.93 -5.02 -21.01
CA TYR A 104 0.81 -5.32 -20.11
C TYR A 104 0.59 -6.81 -20.05
N VAL A 105 0.61 -7.36 -18.84
CA VAL A 105 0.46 -8.79 -18.59
C VAL A 105 -0.50 -8.97 -17.43
N VAL A 106 -1.40 -9.95 -17.58
CA VAL A 106 -2.25 -10.47 -16.50
C VAL A 106 -2.02 -11.97 -16.46
N LYS A 107 -1.62 -12.48 -15.29
CA LYS A 107 -1.41 -13.92 -15.18
C LYS A 107 -1.82 -14.39 -13.79
N PHE A 108 -2.27 -15.60 -13.71
CA PHE A 108 -2.57 -16.10 -12.39
C PHE A 108 -1.38 -16.86 -11.83
N PRO A 109 -1.17 -16.82 -10.52
CA PRO A 109 0.08 -17.34 -9.95
C PRO A 109 0.07 -18.86 -9.89
N THR A 110 1.27 -19.43 -9.97
CA THR A 110 1.47 -20.85 -9.72
C THR A 110 1.86 -21.05 -8.25
N PRO A 111 1.86 -22.30 -7.76
CA PRO A 111 2.15 -22.51 -6.32
C PRO A 111 3.62 -22.33 -5.94
N SER A 112 4.53 -22.23 -6.91
CA SER A 112 5.95 -21.99 -6.61
C SER A 112 6.65 -21.57 -7.89
N TYR A 113 7.89 -21.08 -7.72
CA TYR A 113 8.66 -20.58 -8.85
C TYR A 113 8.79 -21.64 -9.94
N LEU A 114 9.05 -22.88 -9.54
CA LEU A 114 9.32 -23.92 -10.53
C LEU A 114 8.08 -24.59 -11.08
N GLN A 115 6.91 -24.42 -10.45
CA GLN A 115 5.69 -24.99 -10.98
C GLN A 115 5.06 -24.09 -12.04
N THR A 116 4.46 -24.70 -13.06
CA THR A 116 3.95 -23.91 -14.18
C THR A 116 2.43 -23.90 -14.30
N SER A 117 1.72 -24.86 -13.72
CA SER A 117 0.27 -24.90 -13.81
C SER A 117 -0.33 -23.78 -12.97
N THR A 118 -1.37 -23.15 -13.50
CA THR A 118 -2.12 -22.17 -12.72
C THR A 118 -3.41 -22.71 -12.15
N ASP A 119 -3.71 -24.00 -12.35
CA ASP A 119 -4.96 -24.56 -11.86
C ASP A 119 -5.04 -24.42 -10.34
N ARG A 120 -6.26 -24.22 -9.84
CA ARG A 120 -6.51 -24.05 -8.42
C ARG A 120 -7.47 -25.13 -7.93
N TYR A 121 -7.35 -25.51 -6.67
CA TYR A 121 -8.09 -26.64 -6.11
C TYR A 121 -8.73 -26.24 -4.80
N THR A 122 -9.98 -26.63 -4.63
CA THR A 122 -10.68 -26.37 -3.37
C THR A 122 -11.69 -27.47 -3.08
N PHE A 123 -12.19 -27.46 -1.86
CA PHE A 123 -13.31 -28.29 -1.43
C PHE A 123 -14.62 -27.53 -1.64
N ALA A 124 -15.70 -28.30 -1.78
CA ALA A 124 -17.00 -27.66 -1.91
C ALA A 124 -17.24 -26.76 -0.69
N ASP A 125 -17.75 -25.56 -0.95
CA ASP A 125 -18.07 -24.54 0.04
C ASP A 125 -16.84 -23.89 0.67
N ARG A 126 -15.62 -24.17 0.16
CA ARG A 126 -14.46 -23.39 0.60
C ARG A 126 -14.10 -22.34 -0.45
N PRO A 127 -14.06 -21.07 -0.09
CA PRO A 127 -13.70 -20.04 -1.08
C PRO A 127 -12.28 -20.17 -1.59
N VAL A 128 -12.10 -19.81 -2.85
CA VAL A 128 -10.77 -19.58 -3.43
C VAL A 128 -10.66 -18.10 -3.76
N PHE A 129 -9.59 -17.47 -3.29
CA PHE A 129 -9.37 -16.04 -3.48
C PHE A 129 -8.50 -15.87 -4.72
N LEU A 130 -9.15 -15.60 -5.84
CA LEU A 130 -8.44 -15.47 -7.10
C LEU A 130 -7.91 -14.06 -7.24
N ARG A 131 -6.61 -13.93 -7.57
CA ARG A 131 -5.96 -12.63 -7.65
C ARG A 131 -4.88 -12.71 -8.73
N PRO A 132 -5.01 -11.96 -9.81
CA PRO A 132 -3.95 -12.02 -10.82
C PRO A 132 -2.71 -11.26 -10.37
N LEU A 133 -1.58 -11.68 -10.91
CA LEU A 133 -0.37 -10.86 -10.93
C LEU A 133 -0.41 -9.98 -12.16
N LEU A 134 0.09 -8.76 -12.04
CA LEU A 134 0.04 -7.77 -13.11
C LEU A 134 1.44 -7.28 -13.44
N GLU A 135 1.66 -6.96 -14.73
CA GLU A 135 2.89 -6.28 -15.14
C GLU A 135 2.51 -5.07 -15.98
N TYR A 136 3.22 -3.96 -15.73
CA TYR A 136 3.14 -2.73 -16.50
C TYR A 136 1.90 -1.90 -16.19
N PHE A 137 0.89 -2.49 -15.56
CA PHE A 137 -0.28 -1.74 -15.14
C PHE A 137 0.07 -0.77 -14.02
N ASP A 138 -0.48 0.44 -14.13
CA ASP A 138 -0.35 1.48 -13.12
C ASP A 138 -1.69 1.85 -12.50
N ASN A 139 -2.79 1.61 -13.19
CA ASN A 139 -4.11 2.10 -12.83
C ASN A 139 -5.17 1.10 -13.30
N PRO A 140 -5.17 -0.12 -12.75
CA PRO A 140 -6.03 -1.18 -13.30
C PRO A 140 -7.48 -1.15 -12.80
N ARG A 141 -8.37 -1.63 -13.67
CA ARG A 141 -9.78 -1.87 -13.34
C ARG A 141 -10.11 -3.31 -13.69
N PHE A 142 -11.04 -3.91 -12.93
CA PHE A 142 -11.21 -5.36 -12.93
C PHE A 142 -12.64 -5.74 -13.28
N GLU A 143 -12.79 -6.74 -14.17
CA GLU A 143 -14.06 -7.39 -14.44
C GLU A 143 -13.81 -8.88 -14.34
N TRP A 144 -14.76 -9.60 -13.75
CA TRP A 144 -14.63 -11.03 -13.50
C TRP A 144 -15.81 -11.79 -14.08
N SER A 145 -15.54 -12.97 -14.63
CA SER A 145 -16.55 -13.89 -15.15
C SER A 145 -16.32 -15.32 -14.65
N VAL A 146 -17.40 -16.07 -14.51
CA VAL A 146 -17.33 -17.50 -14.19
C VAL A 146 -18.11 -18.23 -15.26
N ASP A 147 -17.42 -19.12 -15.98
CA ASP A 147 -18.06 -19.92 -17.03
C ASP A 147 -18.84 -19.06 -18.00
N GLY A 148 -18.24 -17.92 -18.36
CA GLY A 148 -18.78 -17.05 -19.38
C GLY A 148 -19.79 -16.02 -18.89
N GLN A 149 -20.13 -16.04 -17.61
CA GLN A 149 -21.11 -15.11 -17.04
C GLN A 149 -20.36 -14.05 -16.26
N VAL A 150 -20.56 -12.78 -16.63
CA VAL A 150 -20.00 -11.70 -15.83
C VAL A 150 -20.56 -11.75 -14.42
N MET A 151 -19.70 -11.60 -13.43
CA MET A 151 -20.11 -11.55 -12.04
C MET A 151 -20.33 -10.09 -11.71
N GLU A 152 -21.60 -9.67 -11.68
CA GLU A 152 -21.89 -8.26 -11.49
C GLU A 152 -21.39 -7.80 -10.13
N GLY A 153 -20.85 -6.59 -10.10
CA GLY A 153 -20.35 -6.04 -8.87
C GLY A 153 -18.98 -6.51 -8.43
N GLU A 154 -18.37 -7.46 -9.14
CA GLU A 154 -17.02 -7.92 -8.77
C GLU A 154 -16.00 -7.10 -9.54
N VAL A 155 -15.46 -6.06 -8.87
CA VAL A 155 -14.64 -5.08 -9.58
C VAL A 155 -13.33 -4.85 -8.82
N GLU A 156 -12.93 -5.81 -7.99
CA GLU A 156 -11.75 -5.65 -7.16
C GLU A 156 -10.62 -6.58 -7.61
N ARG A 157 -9.42 -6.29 -7.09
CA ARG A 157 -8.20 -7.01 -7.47
C ARG A 157 -8.31 -8.50 -7.15
N MET A 158 -9.05 -8.86 -6.11
CA MET A 158 -9.35 -10.25 -5.80
C MET A 158 -10.82 -10.53 -6.04
N PHE A 159 -11.11 -11.77 -6.41
CA PHE A 159 -12.47 -12.28 -6.55
C PHE A 159 -12.56 -13.53 -5.69
N LYS A 160 -13.48 -13.53 -4.72
CA LYS A 160 -13.69 -14.66 -3.83
C LYS A 160 -14.73 -15.56 -4.46
N PHE A 161 -14.29 -16.71 -4.96
CA PHE A 161 -15.15 -17.66 -5.66
C PHE A 161 -15.37 -18.89 -4.80
N THR A 162 -16.63 -19.25 -4.58
CA THR A 162 -16.96 -20.39 -3.72
C THR A 162 -17.82 -21.37 -4.49
N PRO A 163 -17.24 -22.44 -5.04
CA PRO A 163 -18.05 -23.49 -5.66
C PRO A 163 -18.77 -24.30 -4.60
N SER A 164 -19.98 -24.72 -4.92
CA SER A 164 -20.77 -25.52 -3.98
C SER A 164 -20.86 -26.98 -4.39
N ALA A 165 -20.30 -27.35 -5.52
CA ALA A 165 -20.37 -28.72 -6.04
C ALA A 165 -19.06 -29.07 -6.74
N PRO A 166 -18.68 -30.36 -6.72
CA PRO A 166 -17.48 -30.78 -7.46
C PRO A 166 -17.62 -30.48 -8.94
N GLY A 167 -16.49 -30.17 -9.55
CA GLY A 167 -16.41 -29.94 -10.99
C GLY A 167 -15.32 -28.93 -11.30
N GLU A 168 -15.26 -28.55 -12.57
CA GLU A 168 -14.27 -27.58 -13.05
C GLU A 168 -14.97 -26.29 -13.44
N TYR A 169 -14.38 -25.16 -13.06
CA TYR A 169 -14.99 -23.85 -13.28
C TYR A 169 -13.95 -22.97 -13.94
N THR A 170 -14.33 -22.27 -15.02
CA THR A 170 -13.41 -21.40 -15.73
C THR A 170 -13.64 -19.96 -15.29
N VAL A 171 -12.65 -19.36 -14.63
CA VAL A 171 -12.79 -17.99 -14.15
C VAL A 171 -11.95 -17.09 -15.04
N SER A 172 -12.54 -15.98 -15.48
CA SER A 172 -11.88 -15.03 -16.36
C SER A 172 -11.79 -13.68 -15.68
N CYS A 173 -10.67 -12.99 -15.85
CA CYS A 173 -10.48 -11.65 -15.32
C CYS A 173 -9.99 -10.77 -16.45
N THR A 174 -10.68 -9.65 -16.68
CA THR A 174 -10.22 -8.66 -17.66
C THR A 174 -9.74 -7.44 -16.88
N VAL A 175 -8.48 -7.09 -17.09
CA VAL A 175 -7.84 -5.97 -16.41
C VAL A 175 -7.64 -4.89 -17.45
N SER A 176 -8.23 -3.72 -17.21
CA SER A 176 -8.15 -2.64 -18.18
C SER A 176 -7.43 -1.45 -17.57
N GLU A 177 -6.92 -0.59 -18.44
CA GLU A 177 -6.27 0.63 -17.98
C GLU A 177 -6.50 1.74 -18.99
N ASP A 178 -6.88 2.89 -18.46
CA ASP A 178 -7.17 4.09 -19.24
C ASP A 178 -5.84 4.60 -19.77
N THR A 179 -5.45 4.17 -20.94
CA THR A 179 -4.19 4.60 -21.51
C THR A 179 -4.44 5.70 -22.54
N PRO A 180 -3.43 6.52 -22.87
CA PRO A 180 -3.72 7.75 -23.63
C PRO A 180 -4.29 7.47 -25.01
N THR A 181 -5.35 8.23 -25.36
CA THR A 181 -6.00 8.13 -26.66
C THR A 181 -5.09 8.64 -27.77
N GLU A 182 -5.17 8.01 -28.95
CA GLU A 182 -4.45 8.47 -30.13
C GLU A 182 -5.34 8.38 -31.36
N LYS A 183 -5.34 9.44 -32.17
CA LYS A 183 -6.00 9.39 -33.47
C LYS A 183 -5.17 8.57 -34.45
N ILE A 184 -5.76 7.50 -34.98
CA ILE A 184 -5.09 6.68 -35.97
C ILE A 184 -5.41 7.15 -37.39
N SER A 185 -6.66 7.57 -37.59
CA SER A 185 -7.11 8.19 -38.83
C SER A 185 -8.35 8.99 -38.49
N ARG A 186 -8.95 9.62 -39.51
CA ARG A 186 -10.20 10.35 -39.30
C ARG A 186 -11.25 9.47 -38.65
N ASN A 187 -11.21 8.16 -38.92
CA ASN A 187 -12.28 7.25 -38.52
C ASN A 187 -11.86 6.22 -37.48
N ILE A 188 -10.64 6.31 -36.94
CA ILE A 188 -10.14 5.29 -36.03
C ILE A 188 -9.42 5.95 -34.86
N ASP A 189 -9.77 5.55 -33.64
CA ASP A 189 -9.14 6.04 -32.43
C ASP A 189 -8.60 4.87 -31.61
N LYS A 190 -7.38 5.03 -31.10
CA LYS A 190 -6.77 4.07 -30.19
C LYS A 190 -7.15 4.46 -28.78
N GLY A 191 -7.65 3.49 -28.01
CA GLY A 191 -8.24 3.73 -26.71
C GLY A 191 -7.60 2.87 -25.63
N LYS A 192 -8.45 2.38 -24.73
CA LYS A 192 -7.91 1.80 -23.51
C LYS A 192 -7.28 0.43 -23.76
N THR A 193 -6.45 0.03 -22.81
CA THR A 193 -5.85 -1.29 -22.75
C THR A 193 -6.78 -2.22 -22.01
N ALA A 194 -6.90 -3.46 -22.49
CA ALA A 194 -7.69 -4.46 -21.75
C ALA A 194 -7.10 -5.83 -22.05
N VAL A 195 -6.63 -6.50 -21.00
CA VAL A 195 -5.95 -7.79 -21.09
C VAL A 195 -6.75 -8.80 -20.31
N THR A 196 -6.98 -9.98 -20.89
CA THR A 196 -7.80 -11.00 -20.23
C THR A 196 -6.97 -12.23 -19.90
N ALA A 197 -7.14 -12.76 -18.69
CA ALA A 197 -6.53 -14.03 -18.32
C ALA A 197 -7.62 -14.95 -17.76
N THR A 198 -7.41 -16.25 -17.90
CA THR A 198 -8.36 -17.22 -17.34
C THR A 198 -7.62 -18.20 -16.48
N VAL A 199 -8.34 -18.77 -15.51
CA VAL A 199 -7.78 -19.75 -14.58
C VAL A 199 -8.84 -20.80 -14.31
N LYS A 200 -8.42 -22.06 -14.22
CA LYS A 200 -9.32 -23.18 -13.95
C LYS A 200 -9.37 -23.45 -12.45
N VAL A 201 -10.57 -23.46 -11.88
CA VAL A 201 -10.77 -23.83 -10.48
C VAL A 201 -11.38 -25.22 -10.47
N VAL A 202 -10.74 -26.15 -9.76
CA VAL A 202 -11.23 -27.51 -9.63
C VAL A 202 -11.78 -27.69 -8.22
N CYS A 203 -13.08 -27.98 -8.12
CA CYS A 203 -13.66 -28.36 -6.84
C CYS A 203 -13.60 -29.88 -6.78
N VAL A 204 -12.76 -30.41 -5.88
CA VAL A 204 -12.52 -31.86 -5.85
C VAL A 204 -13.76 -32.59 -5.33
N ASP A 205 -13.83 -33.89 -5.64
CA ASP A 205 -15.01 -34.65 -5.23
C ASP A 205 -15.01 -34.95 -3.73
N LYS A 206 -13.86 -34.92 -3.08
CA LYS A 206 -13.60 -35.34 -1.71
C LYS A 206 -14.04 -34.31 -0.68
N LYS A 207 -14.35 -34.77 0.53
CA LYS A 207 -14.50 -33.94 1.71
C LYS A 207 -13.15 -33.73 2.38
N GLU A 208 -12.98 -32.56 3.01
CA GLU A 208 -11.72 -32.23 3.67
C GLU A 208 -11.29 -33.32 4.65
N GLN A 209 -12.22 -33.79 5.49
CA GLN A 209 -11.83 -34.79 6.48
C GLN A 209 -11.31 -36.06 5.82
N ASP A 210 -11.78 -36.38 4.62
CA ASP A 210 -11.33 -37.63 4.02
C ASP A 210 -9.91 -37.53 3.45
N GLY A 211 -9.34 -36.33 3.36
CA GLY A 211 -7.95 -36.15 3.01
C GLY A 211 -6.96 -36.20 4.16
N PHE A 212 -7.43 -36.33 5.40
CA PHE A 212 -6.50 -36.47 6.53
C PHE A 212 -5.69 -37.75 6.37
N ARG A 213 -4.38 -37.61 6.31
CA ARG A 213 -3.48 -38.76 6.26
C ARG A 213 -3.10 -39.13 7.69
N ALA A 214 -3.69 -40.21 8.19
CA ALA A 214 -3.38 -40.66 9.52
C ALA A 214 -2.09 -41.48 9.45
N SER A 215 -1.86 -42.34 10.44
CA SER A 215 -0.65 -43.17 10.48
C SER A 215 0.55 -42.21 10.45
N GLY A 216 1.58 -42.50 9.67
CA GLY A 216 2.83 -41.77 9.73
C GLY A 216 3.89 -42.51 10.53
N SER A 217 5.15 -42.40 10.11
CA SER A 217 6.26 -43.04 10.80
C SER A 217 7.22 -42.06 11.46
N SER A 218 7.17 -40.79 11.07
CA SER A 218 8.08 -39.80 11.62
C SER A 218 7.33 -38.51 11.91
N LYS A 219 7.65 -37.87 13.04
CA LYS A 219 7.18 -36.54 13.34
C LYS A 219 7.97 -35.47 12.58
N LEU A 220 9.17 -35.80 12.09
CA LEU A 220 9.93 -34.83 11.32
C LEU A 220 9.37 -34.70 9.90
N TRP A 221 9.68 -33.56 9.26
CA TRP A 221 9.49 -33.42 7.82
C TRP A 221 10.02 -34.70 7.14
N ASN A 222 9.41 -35.12 6.03
CA ASN A 222 9.95 -36.30 5.35
C ASN A 222 10.48 -36.00 3.96
N LYS A 223 10.26 -34.82 3.42
CA LYS A 223 10.70 -34.52 2.07
C LYS A 223 10.81 -33.02 1.86
N VAL A 224 11.84 -32.61 1.13
CA VAL A 224 11.97 -31.25 0.62
C VAL A 224 11.49 -31.27 -0.82
N TYR A 225 10.56 -30.36 -1.15
CA TYR A 225 10.05 -30.33 -2.51
C TYR A 225 10.72 -29.26 -3.38
N GLU A 226 11.20 -28.18 -2.78
CA GLU A 226 11.80 -27.10 -3.53
C GLU A 226 12.58 -26.22 -2.55
N TYR A 227 13.74 -25.72 -3.00
CA TYR A 227 14.57 -24.78 -2.24
C TYR A 227 14.92 -23.66 -3.20
N THR A 228 14.21 -22.52 -3.07
CA THR A 228 14.34 -21.38 -3.99
C THR A 228 14.56 -20.16 -3.12
N PRO A 229 15.79 -19.98 -2.64
CA PRO A 229 16.10 -18.82 -1.83
C PRO A 229 16.16 -17.58 -2.71
N ALA A 230 16.11 -16.43 -2.05
CA ALA A 230 16.49 -15.16 -2.65
C ALA A 230 18.02 -15.03 -2.57
N PRO A 231 18.61 -14.08 -3.29
CA PRO A 231 20.07 -13.86 -3.15
C PRO A 231 20.44 -13.56 -1.70
N GLY A 232 21.63 -14.01 -1.31
CA GLY A 232 22.09 -13.80 0.05
C GLY A 232 23.50 -14.31 0.20
N GLN A 233 24.18 -13.80 1.24
CA GLN A 233 25.60 -14.10 1.44
C GLN A 233 25.88 -15.57 1.72
N PHE A 234 24.88 -16.34 2.18
CA PHE A 234 25.10 -17.76 2.41
C PHE A 234 24.71 -18.61 1.22
N ILE A 235 24.20 -18.01 0.15
CA ILE A 235 23.82 -18.76 -1.05
C ILE A 235 25.06 -18.93 -1.91
N ASN A 236 25.34 -20.19 -2.30
CA ASN A 236 26.56 -20.62 -3.01
C ASN A 236 27.81 -20.43 -2.14
N GLU A 237 27.66 -20.39 -0.82
CA GLU A 237 28.77 -20.13 0.08
C GLU A 237 29.43 -21.48 0.41
N THR A 238 30.71 -21.62 0.05
CA THR A 238 31.36 -22.92 0.02
C THR A 238 32.38 -23.11 1.14
N SER A 239 32.49 -22.17 2.06
CA SER A 239 33.31 -22.42 3.23
C SER A 239 32.61 -23.43 4.13
N THR A 240 33.32 -23.88 5.18
CA THR A 240 32.66 -24.75 6.14
C THR A 240 31.48 -24.05 6.81
N ILE A 241 31.49 -22.71 6.86
CA ILE A 241 30.38 -21.95 7.41
C ILE A 241 29.16 -22.02 6.50
N GLY A 242 29.35 -22.07 5.19
CA GLY A 242 28.24 -22.09 4.25
C GLY A 242 27.74 -23.47 3.87
N GLY A 243 28.68 -24.41 3.74
CA GLY A 243 28.32 -25.79 3.50
C GLY A 243 27.97 -26.13 2.07
N MET A 244 27.97 -25.16 1.16
CA MET A 244 27.67 -25.56 -0.20
C MET A 244 28.92 -26.11 -0.87
N THR A 245 28.70 -26.90 -1.91
CA THR A 245 29.75 -27.70 -2.51
C THR A 245 30.23 -27.16 -3.85
N GLY A 246 29.53 -26.17 -4.41
CA GLY A 246 29.67 -25.84 -5.81
C GLY A 246 28.87 -26.72 -6.75
N ASN A 247 28.32 -27.84 -6.27
CA ASN A 247 27.49 -28.72 -7.10
C ASN A 247 26.03 -28.29 -7.17
N GLU A 248 25.63 -27.21 -6.49
CA GLU A 248 24.22 -26.80 -6.45
C GLU A 248 23.95 -25.90 -7.65
N THR A 249 23.87 -26.53 -8.81
CA THR A 249 23.65 -25.78 -10.05
C THR A 249 22.33 -26.15 -10.73
N SER A 250 21.52 -26.98 -10.11
CA SER A 250 20.21 -27.36 -10.65
C SER A 250 19.22 -27.39 -9.49
N PRO A 251 17.93 -27.31 -9.77
CA PRO A 251 16.97 -27.37 -8.64
C PRO A 251 17.01 -28.71 -7.95
N GLU A 252 17.32 -29.79 -8.68
CA GLU A 252 17.44 -31.09 -8.04
C GLU A 252 18.62 -31.14 -7.09
N ALA A 253 19.76 -30.57 -7.49
CA ALA A 253 20.90 -30.52 -6.59
C ALA A 253 20.63 -29.64 -5.39
N ALA A 254 19.87 -28.55 -5.58
CA ALA A 254 19.52 -27.70 -4.45
C ALA A 254 18.64 -28.46 -3.45
N VAL A 255 17.68 -29.24 -3.95
CA VAL A 255 16.83 -30.06 -3.07
C VAL A 255 17.68 -31.09 -2.34
N ALA A 256 18.60 -31.75 -3.05
CA ALA A 256 19.43 -32.75 -2.40
C ALA A 256 20.26 -32.12 -1.28
N TRP A 257 20.80 -30.93 -1.53
CA TRP A 257 21.61 -30.24 -0.54
C TRP A 257 20.78 -29.86 0.68
N ALA A 258 19.63 -29.21 0.46
CA ALA A 258 18.79 -28.79 1.58
C ALA A 258 18.34 -30.00 2.40
N THR A 259 18.01 -31.10 1.71
CA THR A 259 17.60 -32.33 2.41
C THR A 259 18.68 -32.79 3.37
N GLN A 260 19.93 -32.84 2.91
CA GLN A 260 21.01 -33.31 3.78
C GLN A 260 21.26 -32.33 4.91
N ARG A 261 21.18 -31.02 4.64
CA ARG A 261 21.36 -30.02 5.69
C ARG A 261 20.31 -30.18 6.78
N LEU A 262 19.04 -30.30 6.39
CA LEU A 262 17.98 -30.42 7.39
C LEU A 262 18.11 -31.72 8.17
N LYS A 263 18.47 -32.82 7.49
CA LYS A 263 18.69 -34.07 8.22
C LYS A 263 19.71 -33.90 9.31
N ASP A 264 20.78 -33.15 9.03
CA ASP A 264 21.87 -32.89 9.97
C ASP A 264 21.60 -31.70 10.87
N LYS A 265 20.42 -31.07 10.75
CA LYS A 265 20.03 -29.87 11.51
C LYS A 265 21.10 -28.79 11.40
N LEU A 266 21.54 -28.55 10.15
CA LEU A 266 22.45 -27.48 9.77
C LEU A 266 21.66 -26.45 8.98
N HIS A 267 22.18 -25.21 8.91
CA HIS A 267 21.32 -24.14 8.43
C HIS A 267 21.02 -24.25 6.95
N VAL A 268 19.82 -23.82 6.61
CA VAL A 268 19.43 -23.58 5.23
C VAL A 268 18.99 -22.12 5.20
N SER A 269 19.73 -21.27 4.50
CA SER A 269 19.39 -19.84 4.46
C SER A 269 18.42 -19.57 3.31
N LEU A 270 17.43 -18.73 3.57
CA LEU A 270 16.48 -18.37 2.52
C LEU A 270 16.92 -17.11 1.76
N GLY A 271 18.05 -16.51 2.13
CA GLY A 271 18.45 -15.26 1.45
C GLY A 271 17.50 -14.13 1.85
N SER A 272 17.46 -13.10 1.00
CA SER A 272 16.69 -11.89 1.26
C SER A 272 15.20 -12.11 1.06
N PHE A 273 14.42 -11.03 0.96
CA PHE A 273 12.96 -11.16 0.94
C PHE A 273 12.49 -12.18 -0.08
N GLY A 274 11.53 -13.01 0.32
CA GLY A 274 10.82 -13.88 -0.60
C GLY A 274 11.43 -15.24 -0.79
N GLY A 275 12.69 -15.43 -0.38
CA GLY A 275 13.30 -16.75 -0.49
C GLY A 275 12.53 -17.77 0.31
N TYR A 276 12.48 -19.00 -0.19
CA TYR A 276 11.63 -19.98 0.50
C TYR A 276 12.14 -21.40 0.36
N ILE A 277 11.61 -22.27 1.23
CA ILE A 277 11.77 -23.71 1.10
C ILE A 277 10.40 -24.32 1.33
N ILE A 278 10.11 -25.43 0.64
CA ILE A 278 8.84 -26.14 0.77
C ILE A 278 9.16 -27.55 1.24
N VAL A 279 8.51 -27.96 2.35
CA VAL A 279 8.68 -29.30 2.91
C VAL A 279 7.33 -29.93 3.15
N GLY A 280 7.34 -31.26 3.26
CA GLY A 280 6.15 -31.99 3.65
C GLY A 280 6.46 -33.05 4.69
N PHE A 281 5.40 -33.80 5.04
CA PHE A 281 5.43 -34.82 6.08
C PHE A 281 4.84 -36.10 5.53
N ASP A 282 5.10 -37.22 6.23
CA ASP A 282 4.50 -38.48 5.82
C ASP A 282 3.09 -38.69 6.35
N HIS A 283 2.49 -37.65 6.92
CA HIS A 283 1.14 -37.69 7.49
C HIS A 283 0.65 -36.26 7.58
N SER A 284 -0.64 -36.08 7.86
CA SER A 284 -1.20 -34.75 8.05
C SER A 284 -1.02 -34.30 9.49
N ILE A 285 -0.61 -33.05 9.68
CA ILE A 285 -0.50 -32.45 11.01
C ILE A 285 -1.85 -31.86 11.37
N PRO A 286 -2.50 -32.32 12.44
CA PRO A 286 -3.84 -31.80 12.78
C PRO A 286 -3.79 -30.41 13.40
N ASN A 287 -4.86 -29.65 13.16
CA ASN A 287 -5.15 -28.43 13.90
C ASN A 287 -5.63 -28.85 15.29
N SER A 288 -4.73 -28.83 16.26
CA SER A 288 -4.94 -29.51 17.54
C SER A 288 -5.14 -28.52 18.68
N GLY A 289 -5.53 -29.08 19.84
CA GLY A 289 -5.68 -28.37 21.09
C GLY A 289 -4.41 -28.13 21.88
N ASN A 290 -3.26 -28.59 21.36
CA ASN A 290 -1.98 -28.33 21.99
C ASN A 290 -1.59 -26.86 21.84
N GLN A 291 -0.59 -26.45 22.61
CA GLN A 291 -0.08 -25.09 22.45
C GLN A 291 0.34 -24.84 21.02
N TYR A 292 1.09 -25.77 20.46
CA TYR A 292 1.59 -25.64 19.10
C TYR A 292 1.32 -26.93 18.35
N ASP A 293 1.05 -26.79 17.05
CA ASP A 293 0.88 -27.98 16.22
C ASP A 293 2.19 -28.44 15.62
N PHE A 294 3.11 -27.51 15.34
CA PHE A 294 4.43 -27.87 14.85
C PHE A 294 5.42 -26.79 15.26
N CYS A 295 6.70 -27.08 15.06
CA CYS A 295 7.70 -26.06 15.32
C CYS A 295 8.70 -26.06 14.17
N VAL A 296 9.47 -24.98 14.11
CA VAL A 296 10.56 -24.82 13.14
C VAL A 296 11.79 -24.36 13.91
N GLN A 297 12.92 -24.99 13.65
CA GLN A 297 14.16 -24.63 14.31
C GLN A 297 14.80 -23.50 13.50
N GLY A 298 15.04 -22.37 14.18
CA GLY A 298 15.82 -21.26 13.66
C GLY A 298 17.13 -21.12 14.42
N ASN A 299 17.74 -19.93 14.33
CA ASN A 299 18.90 -19.66 15.17
C ASN A 299 18.82 -18.26 15.78
N ALA A 300 17.61 -17.85 16.17
CA ALA A 300 17.42 -16.49 16.66
C ALA A 300 17.96 -16.34 18.07
N PHE A 301 18.46 -15.13 18.35
CA PHE A 301 18.75 -14.66 19.70
C PHE A 301 18.42 -13.16 19.70
N ASP A 302 18.48 -12.53 20.88
CA ASP A 302 18.06 -11.13 20.97
C ASP A 302 18.98 -10.24 20.13
N GLY A 303 18.41 -9.58 19.11
CA GLY A 303 19.20 -8.82 18.17
C GLY A 303 19.40 -9.53 16.84
N SER A 304 19.02 -10.81 16.75
CA SER A 304 19.20 -11.60 15.54
C SER A 304 17.87 -12.25 15.18
N SER A 305 16.89 -11.41 14.82
CA SER A 305 15.60 -11.87 14.34
C SER A 305 15.51 -11.63 12.83
N GLU A 306 15.22 -12.68 12.10
CA GLU A 306 15.19 -12.63 10.64
C GLU A 306 13.93 -13.36 10.21
N PRO A 307 12.77 -12.69 10.32
CA PRO A 307 11.50 -13.41 10.42
C PRO A 307 11.10 -14.07 9.11
N GLY A 308 10.69 -15.33 9.22
CA GLY A 308 10.10 -16.06 8.11
C GLY A 308 8.59 -16.16 8.25
N ILE A 309 7.88 -15.80 7.18
CA ILE A 309 6.43 -16.03 7.09
C ILE A 309 6.17 -17.51 6.90
N VAL A 310 5.23 -18.07 7.67
CA VAL A 310 4.85 -19.47 7.53
C VAL A 310 3.62 -19.56 6.65
N TRP A 311 3.69 -20.37 5.60
CA TRP A 311 2.52 -20.69 4.79
C TRP A 311 2.27 -22.18 4.89
N VAL A 312 1.00 -22.58 4.88
CA VAL A 312 0.68 -24.00 4.99
C VAL A 312 -0.25 -24.39 3.86
N MET A 313 -0.26 -25.68 3.56
CA MET A 313 -1.03 -26.17 2.43
C MET A 313 -1.56 -27.56 2.78
N GLN A 314 -2.84 -27.77 2.46
CA GLN A 314 -3.43 -29.11 2.40
C GLN A 314 -3.27 -29.67 0.99
N ASP A 315 -3.08 -31.00 0.91
CA ASP A 315 -2.98 -31.69 -0.38
C ASP A 315 -4.39 -31.97 -0.92
N ILE A 316 -5.09 -30.86 -1.23
CA ILE A 316 -6.50 -30.91 -1.60
C ILE A 316 -6.72 -31.92 -2.71
N ASN A 317 -5.87 -31.88 -3.75
CA ASN A 317 -6.12 -32.75 -4.88
C ASN A 317 -5.52 -34.15 -4.72
N GLY A 318 -4.93 -34.46 -3.57
CA GLY A 318 -4.64 -35.85 -3.22
C GLY A 318 -3.46 -36.48 -3.93
N ASN A 319 -2.61 -35.69 -4.59
CA ASN A 319 -1.57 -36.29 -5.42
C ASN A 319 -0.21 -36.35 -4.74
N GLY A 320 -0.12 -35.96 -3.46
CA GLY A 320 1.15 -35.98 -2.77
C GLY A 320 2.07 -34.81 -3.06
N LEU A 321 1.69 -33.90 -3.97
CA LEU A 321 2.53 -32.79 -4.37
C LEU A 321 2.01 -31.48 -3.80
N PRO A 322 2.91 -30.53 -3.48
CA PRO A 322 2.50 -29.23 -2.95
C PRO A 322 2.09 -28.25 -4.04
N ASP A 323 1.00 -28.60 -4.73
CA ASP A 323 0.52 -27.86 -5.89
C ASP A 323 -0.89 -27.35 -5.68
N ASP A 324 -1.32 -27.32 -4.42
CA ASP A 324 -2.65 -26.85 -4.07
C ASP A 324 -2.59 -25.40 -3.62
N GLU A 325 -3.36 -25.03 -2.59
CA GLU A 325 -3.45 -23.63 -2.13
C GLU A 325 -2.55 -23.38 -0.92
N TRP A 326 -1.77 -22.28 -0.96
CA TRP A 326 -1.08 -21.81 0.25
C TRP A 326 -2.00 -20.93 1.09
N TYR A 327 -1.93 -21.11 2.42
CA TYR A 327 -2.62 -20.25 3.38
C TYR A 327 -1.59 -19.69 4.35
N GLU A 328 -1.58 -18.37 4.49
CA GLU A 328 -0.64 -17.74 5.40
C GLU A 328 -1.02 -18.00 6.85
N LEU A 329 -0.01 -18.25 7.70
CA LEU A 329 -0.26 -18.17 9.14
C LEU A 329 -0.06 -16.72 9.58
N LYS A 330 -1.11 -16.10 10.09
CA LYS A 330 -0.96 -14.72 10.54
C LYS A 330 0.02 -14.65 11.70
N GLY A 331 0.73 -13.53 11.77
CA GLY A 331 1.58 -13.22 12.90
C GLY A 331 1.21 -11.90 13.54
N SER A 332 2.07 -11.42 14.44
CA SER A 332 1.77 -10.23 15.21
C SER A 332 1.57 -8.99 14.35
N GLU A 333 2.09 -8.96 13.10
CA GLU A 333 1.98 -7.77 12.27
C GLU A 333 0.83 -7.86 11.28
N ALA A 334 0.09 -8.97 11.28
CA ALA A 334 -0.97 -9.14 10.30
C ALA A 334 -2.00 -8.04 10.45
N GLY A 335 -2.40 -7.47 9.31
CA GLY A 335 -3.43 -6.45 9.29
C GLY A 335 -2.93 -5.05 9.56
N LYS A 336 -1.70 -4.87 10.03
CA LYS A 336 -1.22 -3.51 10.26
C LYS A 336 -1.02 -2.83 8.91
N GLU A 337 -1.32 -1.53 8.86
CA GLU A 337 -1.26 -0.87 7.55
C GLU A 337 0.16 -0.82 7.00
N GLU A 338 1.18 -0.95 7.85
CA GLU A 338 2.57 -0.92 7.38
C GLU A 338 3.04 -2.26 6.84
N THR A 339 2.34 -3.36 7.13
CA THR A 339 2.64 -4.66 6.57
C THR A 339 2.15 -4.70 5.14
N ILE A 340 2.94 -5.26 4.22
CA ILE A 340 2.53 -5.32 2.82
C ILE A 340 2.21 -6.77 2.46
N GLN A 341 0.93 -7.06 2.27
CA GLN A 341 0.54 -8.32 1.66
C GLN A 341 0.91 -8.34 0.18
N ASN A 342 1.25 -9.52 -0.33
CA ASN A 342 1.41 -9.69 -1.77
C ASN A 342 2.49 -8.75 -2.32
N PHE A 343 3.52 -8.54 -1.52
CA PHE A 343 4.72 -7.82 -1.96
C PHE A 343 5.47 -8.65 -3.00
N GLU A 344 6.14 -7.96 -3.91
CA GLU A 344 6.92 -8.63 -4.94
C GLU A 344 8.31 -8.01 -5.01
N VAL A 345 9.34 -8.86 -5.10
CA VAL A 345 10.71 -8.38 -5.32
C VAL A 345 11.31 -9.13 -6.49
N THR A 346 11.89 -8.39 -7.43
CA THR A 346 12.60 -8.98 -8.56
C THR A 346 14.09 -8.80 -8.35
N TYR A 347 14.83 -9.90 -8.38
CA TYR A 347 16.28 -9.90 -8.24
C TYR A 347 16.92 -10.14 -9.61
N TYR A 348 18.11 -9.57 -9.79
CA TYR A 348 18.82 -9.63 -11.06
C TYR A 348 20.21 -10.23 -10.84
N ARG A 349 20.60 -11.18 -11.68
CA ARG A 349 21.94 -11.70 -11.57
C ARG A 349 22.89 -10.62 -12.08
N PRO A 350 23.88 -10.19 -11.28
CA PRO A 350 24.80 -9.14 -11.77
C PRO A 350 25.64 -9.64 -12.93
N GLU A 351 26.20 -8.67 -13.66
CA GLU A 351 26.89 -8.95 -14.91
C GLU A 351 28.28 -9.54 -14.71
N GLY A 352 28.76 -9.68 -13.48
CA GLY A 352 30.06 -10.25 -13.23
C GLY A 352 30.16 -10.81 -11.83
N LYS A 353 31.32 -11.39 -11.56
CA LYS A 353 31.60 -12.03 -10.29
C LYS A 353 31.86 -10.99 -9.21
N LYS A 354 31.60 -11.40 -7.95
CA LYS A 354 31.93 -10.62 -6.76
C LYS A 354 31.23 -9.26 -6.75
N MET A 355 29.93 -9.26 -7.08
CA MET A 355 29.14 -8.03 -7.15
C MET A 355 27.94 -8.08 -6.21
N ASP A 356 27.49 -6.88 -5.84
CA ASP A 356 26.19 -6.69 -5.20
C ASP A 356 25.08 -7.23 -6.11
N VAL A 357 23.95 -7.61 -5.52
CA VAL A 357 22.81 -8.14 -6.28
C VAL A 357 21.66 -7.16 -6.23
N GLN A 358 21.29 -6.61 -7.38
CA GLN A 358 20.26 -5.59 -7.46
C GLN A 358 18.87 -6.18 -7.34
N TRP A 359 17.96 -5.39 -6.78
CA TRP A 359 16.53 -5.74 -6.77
C TRP A 359 15.68 -4.50 -7.04
N ILE A 360 14.46 -4.75 -7.50
CA ILE A 360 13.40 -3.74 -7.56
C ILE A 360 12.16 -4.35 -6.93
N SER A 361 11.37 -3.52 -6.27
CA SER A 361 10.22 -4.05 -5.54
C SER A 361 8.93 -3.43 -6.07
N SER A 362 7.79 -4.05 -5.71
CA SER A 362 6.50 -3.69 -6.27
C SER A 362 5.96 -2.36 -5.74
N ASP A 363 6.56 -1.80 -4.70
CA ASP A 363 6.23 -0.45 -4.25
C ASP A 363 7.07 0.62 -4.94
N GLY A 364 7.82 0.24 -5.95
CA GLY A 364 8.62 1.18 -6.73
C GLY A 364 9.99 1.49 -6.17
N ARG A 365 10.45 0.76 -5.17
CA ARG A 365 11.77 0.98 -4.61
C ARG A 365 12.81 0.14 -5.34
N ASN A 366 14.09 0.45 -5.11
CA ASN A 366 15.15 -0.41 -5.65
C ASN A 366 16.32 -0.35 -4.67
N GLY A 367 17.11 -1.41 -4.68
CA GLY A 367 18.29 -1.45 -3.83
C GLY A 367 19.10 -2.67 -4.16
N TRP A 368 19.96 -3.07 -3.22
CA TRP A 368 20.80 -4.24 -3.49
C TRP A 368 21.17 -4.99 -2.22
N VAL A 369 21.43 -6.27 -2.41
CA VAL A 369 22.09 -7.11 -1.41
C VAL A 369 23.59 -6.87 -1.53
N ASP A 370 24.24 -6.52 -0.43
CA ASP A 370 25.68 -6.22 -0.48
C ASP A 370 26.50 -7.48 -0.67
N TYR A 371 27.49 -7.40 -1.56
CA TYR A 371 28.58 -8.37 -1.57
C TYR A 371 29.56 -8.02 -0.45
N LEU A 372 29.92 -9.03 0.36
CA LEU A 372 30.79 -8.85 1.54
C LEU A 372 32.07 -9.68 1.38
N SER A 373 33.08 -9.05 0.78
CA SER A 373 34.32 -9.77 0.48
C SER A 373 35.09 -10.13 1.76
N ALA A 374 34.81 -9.46 2.87
CA ALA A 374 35.45 -9.81 4.12
C ALA A 374 35.00 -11.17 4.64
N TYR A 375 33.80 -11.63 4.23
CA TYR A 375 33.23 -12.80 4.89
C TYR A 375 32.78 -13.91 3.96
N HIS A 376 32.28 -13.59 2.77
CA HIS A 376 31.67 -14.63 1.92
C HIS A 376 32.12 -14.36 0.50
N THR A 377 33.09 -15.16 0.04
CA THR A 377 33.94 -14.78 -1.09
C THR A 377 33.60 -15.53 -2.37
N GLN A 378 32.43 -16.16 -2.43
CA GLN A 378 32.00 -16.87 -3.63
C GLN A 378 31.69 -15.89 -4.76
N ASP A 379 31.62 -16.43 -5.97
CA ASP A 379 31.47 -15.56 -7.15
C ASP A 379 30.11 -14.85 -7.18
N TYR A 380 29.04 -15.51 -6.73
CA TYR A 380 27.70 -14.96 -6.83
C TYR A 380 26.91 -15.19 -5.55
N TYR A 381 26.11 -14.20 -5.15
CA TYR A 381 25.12 -14.42 -4.09
C TYR A 381 23.73 -14.74 -4.66
N TYR A 382 23.51 -14.49 -5.93
CA TYR A 382 22.31 -14.95 -6.63
C TYR A 382 22.42 -16.46 -6.82
N PRO A 383 21.38 -17.24 -6.52
CA PRO A 383 21.55 -18.70 -6.48
C PRO A 383 22.00 -19.26 -7.83
N ALA A 384 23.01 -20.12 -7.77
CA ALA A 384 23.58 -20.68 -9.00
C ALA A 384 22.58 -21.51 -9.78
N TRP A 385 21.55 -22.03 -9.11
CA TRP A 385 20.62 -22.95 -9.75
C TRP A 385 19.36 -22.26 -10.24
N ILE A 386 19.30 -20.94 -10.18
CA ILE A 386 18.24 -20.19 -10.83
C ILE A 386 18.75 -19.85 -12.21
N SER A 387 18.23 -20.54 -13.23
CA SER A 387 18.78 -20.44 -14.58
C SER A 387 18.63 -19.03 -15.15
N GLU A 388 17.44 -18.45 -14.98
CA GLU A 388 17.11 -17.14 -15.51
C GLU A 388 17.89 -16.05 -14.80
N ASN A 389 18.18 -14.95 -15.52
CA ASN A 389 18.99 -13.87 -14.96
C ASN A 389 18.17 -12.86 -14.19
N SER A 390 16.86 -13.04 -14.10
CA SER A 390 16.04 -12.32 -13.14
C SER A 390 14.94 -13.25 -12.67
N TYR A 391 14.46 -13.02 -11.45
CA TYR A 391 13.28 -13.75 -10.98
C TYR A 391 12.58 -12.95 -9.92
N THR A 392 11.27 -13.21 -9.81
CA THR A 392 10.39 -12.42 -8.94
C THR A 392 9.81 -13.33 -7.89
N LEU A 393 9.99 -12.95 -6.63
CA LEU A 393 9.45 -13.69 -5.48
C LEU A 393 8.38 -12.87 -4.79
N THR A 394 7.30 -13.53 -4.37
CA THR A 394 6.18 -12.85 -3.72
C THR A 394 6.11 -13.22 -2.25
N GLY A 395 5.35 -12.45 -1.49
CA GLY A 395 5.12 -12.84 -0.09
C GLY A 395 4.60 -11.68 0.72
N THR A 396 4.33 -11.97 2.00
CA THR A 396 4.08 -10.90 2.95
C THR A 396 5.39 -10.25 3.36
N CYS A 397 5.44 -8.91 3.29
CA CYS A 397 6.62 -8.17 3.74
C CYS A 397 6.31 -7.42 5.03
N LEU A 398 6.98 -7.82 6.11
CA LEU A 398 6.91 -7.07 7.35
C LEU A 398 7.71 -5.78 7.25
N ALA A 399 7.26 -4.76 7.97
CA ALA A 399 8.03 -3.53 8.07
C ALA A 399 9.34 -3.82 8.80
N ALA A 400 10.46 -3.40 8.19
CA ALA A 400 11.77 -3.73 8.75
C ALA A 400 12.06 -2.95 10.03
N ARG A 401 12.74 -3.61 10.97
CA ARG A 401 13.11 -2.92 12.21
C ARG A 401 14.56 -3.21 12.58
N ASN A 402 15.42 -3.40 11.58
CA ASN A 402 16.85 -3.53 11.82
C ASN A 402 17.44 -2.14 11.94
N THR A 403 18.21 -1.90 13.00
CA THR A 403 18.71 -0.55 13.23
C THR A 403 20.13 -0.60 13.77
N GLN A 404 20.92 0.38 13.36
CA GLN A 404 22.31 0.50 13.79
C GLN A 404 22.41 1.56 14.89
N ASP A 405 23.08 1.21 15.98
CA ASP A 405 23.35 2.17 17.05
C ASP A 405 24.56 3.02 16.66
N SER A 406 24.42 4.34 16.65
CA SER A 406 25.51 5.15 16.12
C SER A 406 26.71 5.19 17.06
N GLN A 407 26.46 5.29 18.37
CA GLN A 407 27.53 5.25 19.36
C GLN A 407 28.41 4.03 19.18
N THR A 408 27.81 2.84 19.30
CA THR A 408 28.57 1.61 19.21
C THR A 408 28.82 1.18 17.77
N GLY A 409 27.94 1.58 16.84
CA GLY A 409 28.02 1.08 15.49
C GLY A 409 27.40 -0.29 15.29
N TYR A 410 26.95 -0.95 16.36
CA TYR A 410 26.45 -2.31 16.22
C TYR A 410 25.01 -2.32 15.74
N TRP A 411 24.67 -3.41 15.07
CA TRP A 411 23.37 -3.60 14.48
C TRP A 411 22.47 -4.46 15.36
N ASP A 412 21.18 -4.14 15.35
CA ASP A 412 20.17 -4.85 16.13
C ASP A 412 19.05 -5.22 15.17
N ASN A 413 18.97 -6.50 14.80
CA ASN A 413 17.87 -6.99 13.95
C ASN A 413 16.74 -7.31 14.94
N GLN A 414 15.90 -6.30 15.21
CA GLN A 414 14.97 -6.32 16.32
C GLN A 414 13.83 -7.34 16.14
N SER A 415 13.27 -7.77 17.26
CA SER A 415 12.32 -8.86 17.29
C SER A 415 10.91 -8.39 16.95
N TYR A 416 10.11 -9.34 16.44
CA TYR A 416 8.67 -9.22 16.29
C TYR A 416 7.98 -10.04 17.39
N ASP A 417 6.78 -9.61 17.79
CA ASP A 417 6.18 -10.22 18.98
C ASP A 417 5.91 -11.73 18.82
N TRP A 418 5.36 -12.18 17.69
CA TRP A 418 5.08 -13.62 17.53
C TRP A 418 4.65 -13.91 16.09
N GLY A 419 4.75 -15.19 15.73
CA GLY A 419 4.14 -15.71 14.52
C GLY A 419 5.10 -16.06 13.40
N TYR A 420 6.42 -15.86 13.59
CA TYR A 420 7.37 -15.93 12.49
C TYR A 420 8.52 -16.87 12.83
N VAL A 421 9.11 -17.47 11.79
CA VAL A 421 10.25 -18.36 11.92
C VAL A 421 11.52 -17.54 12.18
N ASP A 422 12.46 -18.11 12.94
CA ASP A 422 13.77 -17.50 13.16
C ASP A 422 13.62 -16.10 13.76
N ASN A 423 12.72 -15.95 14.73
CA ASN A 423 12.38 -14.67 15.31
C ASN A 423 12.36 -14.80 16.83
N PHE A 424 12.99 -13.85 17.53
CA PHE A 424 13.14 -13.94 19.00
C PHE A 424 11.91 -13.35 19.70
N GLY A 425 10.77 -13.98 19.48
CA GLY A 425 9.52 -13.42 19.94
C GLY A 425 8.95 -14.17 21.13
N ASN A 426 7.62 -14.15 21.25
CA ASN A 426 6.92 -14.63 22.43
C ASN A 426 6.43 -16.05 22.29
N ASP A 427 6.64 -16.65 21.12
CA ASP A 427 6.23 -18.00 20.78
C ASP A 427 7.41 -18.94 20.58
N GLN A 428 8.49 -18.74 21.35
CA GLN A 428 9.61 -19.65 21.28
C GLN A 428 9.42 -20.84 22.22
N ILE A 429 9.99 -21.97 21.84
CA ILE A 429 9.95 -23.17 22.66
C ILE A 429 11.29 -23.29 23.37
N GLU A 430 11.25 -23.53 24.68
CA GLU A 430 12.48 -23.55 25.46
C GLU A 430 13.47 -24.56 24.89
N GLY A 431 14.75 -24.20 24.87
CA GLY A 431 15.78 -25.11 24.43
C GLY A 431 16.96 -24.47 23.70
N GLY A 432 16.69 -23.39 22.98
CA GLY A 432 17.77 -22.74 22.25
C GLY A 432 18.68 -21.92 23.15
N SER A 433 19.93 -21.83 22.74
CA SER A 433 20.89 -20.94 23.41
C SER A 433 20.50 -19.47 23.19
N THR A 434 20.38 -18.72 24.28
CA THR A 434 20.17 -17.28 24.13
C THR A 434 21.45 -16.54 23.84
N VAL A 435 22.58 -17.25 23.87
CA VAL A 435 23.85 -16.64 23.51
C VAL A 435 24.04 -16.67 22.00
N ASP A 436 23.90 -17.84 21.38
CA ASP A 436 24.24 -17.96 19.97
C ASP A 436 23.11 -18.51 19.10
N GLY A 437 21.92 -18.72 19.68
CA GLY A 437 20.78 -19.13 18.88
C GLY A 437 20.71 -20.60 18.55
N SER A 438 21.73 -21.38 18.91
CA SER A 438 21.72 -22.79 18.53
C SER A 438 20.56 -23.52 19.19
N GLY A 439 19.80 -24.24 18.37
CA GLY A 439 18.65 -24.95 18.89
C GLY A 439 17.40 -24.13 19.10
N GLN A 440 17.40 -22.86 18.69
CA GLN A 440 16.23 -22.00 18.85
C GLN A 440 15.04 -22.55 18.05
N ARG A 441 13.84 -22.51 18.63
CA ARG A 441 12.62 -22.94 17.94
C ARG A 441 11.48 -21.97 18.19
N ASN A 442 10.62 -21.79 17.18
CA ASN A 442 9.32 -21.16 17.32
C ASN A 442 8.25 -22.21 17.10
N GLY A 443 7.17 -22.12 17.87
CA GLY A 443 6.02 -22.98 17.66
C GLY A 443 4.93 -22.23 16.92
N PHE A 444 4.10 -22.99 16.19
CA PHE A 444 3.10 -22.41 15.30
C PHE A 444 1.76 -23.11 15.46
N LYS A 445 0.69 -22.35 15.23
CA LYS A 445 -0.68 -22.85 15.35
C LYS A 445 -1.32 -22.83 13.98
N ILE A 446 -1.83 -23.99 13.55
CA ILE A 446 -2.61 -24.03 12.32
C ILE A 446 -3.86 -23.15 12.44
N SER A 447 -4.37 -22.94 13.67
CA SER A 447 -5.51 -22.05 13.84
C SER A 447 -5.20 -20.61 13.44
N ASN A 448 -3.92 -20.25 13.30
CA ASN A 448 -3.60 -18.93 12.79
C ASN A 448 -3.66 -18.83 11.27
N ALA A 449 -4.04 -19.90 10.58
CA ALA A 449 -4.12 -19.82 9.12
C ALA A 449 -5.27 -18.88 8.72
N ILE A 450 -5.00 -18.05 7.71
CA ILE A 450 -5.99 -17.10 7.21
C ILE A 450 -6.17 -17.26 5.70
N HIS A 451 -7.35 -16.90 5.25
CA HIS A 451 -7.56 -16.68 3.82
C HIS A 451 -6.89 -15.37 3.38
N ALA A 452 -6.85 -15.16 2.07
CA ALA A 452 -6.14 -14.00 1.53
C ALA A 452 -6.76 -12.67 1.93
N ASP A 453 -8.02 -12.66 2.41
CA ASP A 453 -8.64 -11.43 2.87
C ASP A 453 -8.51 -11.26 4.38
N GLY A 454 -7.75 -12.13 5.03
CA GLY A 454 -7.54 -12.04 6.48
C GLY A 454 -8.52 -12.82 7.33
N THR A 455 -9.56 -13.41 6.74
CA THR A 455 -10.53 -14.18 7.52
C THR A 455 -9.93 -15.53 7.91
N GLU A 456 -10.55 -16.18 8.90
CA GLU A 456 -10.04 -17.48 9.35
C GLU A 456 -10.18 -18.55 8.27
N ALA A 457 -9.11 -19.32 8.06
CA ALA A 457 -9.18 -20.41 7.08
C ALA A 457 -9.79 -21.68 7.65
N ASN A 458 -9.71 -21.89 8.96
CA ASN A 458 -10.29 -23.05 9.63
C ASN A 458 -9.88 -24.38 8.99
N LEU A 459 -8.57 -24.55 8.79
CA LEU A 459 -8.06 -25.81 8.25
C LEU A 459 -8.07 -26.90 9.31
N GLN A 460 -8.54 -28.09 8.91
CA GLN A 460 -8.53 -29.21 9.86
C GLN A 460 -7.14 -29.77 10.10
N TYR A 461 -6.21 -29.59 9.16
CA TYR A 461 -4.86 -30.17 9.19
C TYR A 461 -4.05 -29.50 8.07
N ILE A 462 -2.76 -29.80 8.04
CA ILE A 462 -1.93 -29.37 6.92
C ILE A 462 -1.08 -30.55 6.46
N ASP A 463 -0.58 -30.44 5.22
CA ASP A 463 0.33 -31.43 4.66
C ASP A 463 1.69 -30.88 4.26
N PHE A 464 1.79 -29.59 3.94
CA PHE A 464 3.05 -29.00 3.55
C PHE A 464 3.25 -27.68 4.26
N ILE A 465 4.52 -27.28 4.40
CA ILE A 465 4.91 -25.99 4.97
C ILE A 465 5.84 -25.30 3.99
N LYS A 466 5.64 -24.00 3.79
CA LYS A 466 6.59 -23.16 3.06
C LYS A 466 7.00 -22.03 4.01
N ILE A 467 8.31 -21.84 4.18
CA ILE A 467 8.82 -20.69 4.93
C ILE A 467 9.35 -19.69 3.93
N GLN A 468 8.94 -18.42 4.09
CA GLN A 468 9.20 -17.34 3.13
C GLN A 468 9.86 -16.20 3.88
N CYS A 469 11.10 -15.85 3.49
CA CYS A 469 11.78 -14.78 4.21
C CYS A 469 10.95 -13.50 4.13
N GLY A 470 10.68 -12.89 5.28
CA GLY A 470 9.60 -11.91 5.40
C GLY A 470 9.98 -10.44 5.48
N VAL A 471 11.26 -10.09 5.31
CA VAL A 471 11.73 -8.71 5.37
C VAL A 471 12.65 -8.49 4.18
N LEU A 472 12.67 -7.26 3.69
CA LEU A 472 13.63 -6.82 2.67
C LEU A 472 14.56 -5.81 3.35
N ALA A 473 15.73 -6.27 3.80
CA ALA A 473 16.57 -5.38 4.60
C ALA A 473 17.99 -5.93 4.63
N LYS A 474 18.91 -5.07 5.05
CA LYS A 474 20.30 -5.46 5.24
C LYS A 474 20.89 -4.64 6.38
N SER A 475 21.90 -5.20 7.05
CA SER A 475 22.44 -4.62 8.27
C SER A 475 23.96 -4.53 8.21
N GLY A 476 24.45 -3.74 7.26
CA GLY A 476 25.89 -3.45 7.24
C GLY A 476 26.71 -4.73 7.17
N TRP A 477 27.69 -4.83 8.06
CA TRP A 477 28.59 -5.98 8.03
C TRP A 477 27.92 -7.30 8.39
N LEU A 478 26.68 -7.28 8.86
CA LEU A 478 25.93 -8.52 9.02
C LEU A 478 25.37 -9.03 7.71
N GLY A 479 25.39 -8.23 6.65
CA GLY A 479 24.81 -8.72 5.41
C GLY A 479 23.29 -8.64 5.44
N GLU A 480 22.65 -9.37 4.53
CA GLU A 480 21.21 -9.24 4.39
C GLU A 480 20.50 -9.88 5.59
N VAL A 481 19.28 -9.40 5.84
CA VAL A 481 18.38 -10.08 6.77
C VAL A 481 17.77 -11.28 6.04
N SER A 482 18.08 -12.48 6.52
CA SER A 482 17.75 -13.73 5.83
C SER A 482 17.34 -14.79 6.84
N THR A 483 16.11 -15.29 6.73
CA THR A 483 15.67 -16.40 7.56
C THR A 483 16.56 -17.62 7.36
N GLU A 484 16.94 -18.28 8.45
CA GLU A 484 17.52 -19.63 8.38
C GLU A 484 16.59 -20.63 9.07
N VAL A 485 16.50 -21.82 8.49
CA VAL A 485 15.77 -22.95 9.07
C VAL A 485 16.71 -24.12 9.21
N PHE A 486 16.41 -25.00 10.19
CA PHE A 486 17.28 -26.13 10.52
C PHE A 486 16.49 -27.43 10.63
N SER A 487 15.21 -27.35 10.94
CA SER A 487 14.39 -28.55 11.09
C SER A 487 12.93 -28.13 11.16
N PHE A 488 12.05 -29.13 11.04
CA PHE A 488 10.60 -28.99 11.09
C PHE A 488 10.04 -30.19 11.80
N GLU A 489 9.12 -29.99 12.75
CA GLU A 489 8.64 -31.13 13.52
C GLU A 489 7.19 -30.95 13.93
N ASP A 490 6.39 -32.01 13.70
CA ASP A 490 5.03 -32.14 14.21
C ASP A 490 5.09 -32.37 15.71
N LEU A 491 4.45 -31.50 16.48
CA LEU A 491 4.46 -31.58 17.93
C LEU A 491 3.21 -32.25 18.48
N THR A 492 2.24 -32.58 17.64
CA THR A 492 1.04 -33.26 18.11
C THR A 492 1.37 -34.74 18.32
N VAL B 18 47.29 13.35 26.28
CA VAL B 18 47.37 13.86 24.91
C VAL B 18 46.12 13.44 24.10
N ILE B 19 45.56 14.37 23.33
CA ILE B 19 44.34 14.14 22.56
C ILE B 19 44.63 14.43 21.09
N SER B 20 44.47 13.42 20.25
CA SER B 20 44.58 13.57 18.80
C SER B 20 43.20 13.38 18.18
N LEU B 21 42.69 14.42 17.53
CA LEU B 21 41.41 14.36 16.83
C LEU B 21 41.59 15.16 15.53
N ALA B 22 41.86 14.45 14.44
CA ALA B 22 42.13 15.09 13.17
C ALA B 22 40.86 15.67 12.57
N LEU B 23 40.90 16.96 12.19
CA LEU B 23 39.85 17.58 11.41
C LEU B 23 40.29 17.74 9.96
N PRO B 24 39.36 17.87 9.02
CA PRO B 24 39.76 18.23 7.65
C PRO B 24 40.41 19.60 7.64
N SER B 25 41.26 19.84 6.62
CA SER B 25 42.02 21.07 6.56
C SER B 25 41.11 22.29 6.50
N GLN B 26 40.02 22.21 5.75
CA GLN B 26 39.06 23.30 5.58
C GLN B 26 38.16 23.49 6.79
N GLY B 27 38.39 22.76 7.87
CA GLY B 27 37.47 22.74 8.99
C GLY B 27 36.43 21.66 8.86
N LEU B 28 35.74 21.39 9.96
CA LEU B 28 34.74 20.33 10.02
C LEU B 28 33.38 20.91 9.67
N LYS B 29 32.94 20.71 8.43
CA LYS B 29 31.67 21.20 7.94
C LYS B 29 30.78 20.00 7.62
N VAL B 30 29.63 19.92 8.30
CA VAL B 30 28.85 18.69 8.33
C VAL B 30 27.40 18.94 7.93
N VAL B 31 26.66 17.82 7.74
CA VAL B 31 25.26 17.83 7.34
C VAL B 31 24.37 17.79 8.59
N ARG B 32 23.29 18.55 8.55
CA ARG B 32 22.32 18.51 9.65
C ARG B 32 21.70 17.13 9.76
N ASN B 33 21.17 16.82 10.96
CA ASN B 33 20.38 15.61 11.20
C ASN B 33 21.13 14.34 10.81
N THR B 34 22.45 14.38 10.95
CA THR B 34 23.32 13.28 10.54
C THR B 34 24.26 12.95 11.69
N ASP B 35 24.38 11.66 12.02
CA ASP B 35 25.27 11.24 13.10
C ASP B 35 26.73 11.34 12.67
N TYR B 36 27.54 12.00 13.48
CA TYR B 36 28.99 12.02 13.31
C TYR B 36 29.62 11.50 14.60
N THR B 37 30.45 10.48 14.48
CA THR B 37 31.03 9.83 15.64
C THR B 37 32.49 10.23 15.75
N PHE B 38 32.85 10.78 16.91
CA PHE B 38 34.21 11.22 17.19
C PHE B 38 34.91 10.14 18.01
N THR B 39 36.05 9.67 17.51
CA THR B 39 36.85 8.65 18.17
C THR B 39 38.27 9.19 18.29
N PRO B 40 38.57 9.95 19.36
CA PRO B 40 39.91 10.53 19.51
C PRO B 40 40.94 9.50 19.94
N ASP B 41 42.14 9.62 19.36
CA ASP B 41 43.28 8.82 19.79
C ASP B 41 43.93 9.50 20.99
N ILE B 42 44.21 8.72 22.03
CA ILE B 42 44.76 9.28 23.26
C ILE B 42 45.89 8.43 23.81
N VAL B 47 46.80 4.37 31.21
CA VAL B 47 47.90 4.57 32.15
C VAL B 47 47.34 4.78 33.55
N GLU B 48 47.17 6.04 33.94
CA GLU B 48 46.70 6.43 35.28
C GLU B 48 45.25 6.03 35.52
N GLY B 49 44.60 6.69 36.47
CA GLY B 49 43.15 6.61 36.57
C GLY B 49 42.53 7.37 35.41
N PHE B 50 42.76 6.88 34.19
CA PHE B 50 42.47 7.63 32.98
C PHE B 50 40.97 7.75 32.77
N LYS B 51 40.48 8.99 32.74
CA LYS B 51 39.07 9.30 32.51
C LYS B 51 38.93 10.02 31.17
N ILE B 52 37.68 10.31 30.80
CA ILE B 52 37.38 11.15 29.65
C ILE B 52 36.05 11.85 29.88
N GLU B 53 35.97 13.10 29.43
CA GLU B 53 34.78 13.92 29.58
C GLU B 53 34.47 14.59 28.25
N TRP B 54 33.19 14.57 27.85
CA TRP B 54 32.71 15.34 26.71
C TRP B 54 31.77 16.42 27.26
N VAL B 55 32.10 17.68 26.97
CA VAL B 55 31.32 18.79 27.49
C VAL B 55 30.98 19.75 26.36
N ARG B 56 29.74 20.23 26.37
CA ARG B 56 29.28 21.30 25.50
C ARG B 56 28.19 22.04 26.24
N GLU B 57 28.21 23.38 26.11
CA GLU B 57 27.36 24.27 26.91
C GLU B 57 27.65 24.12 28.40
N GLY B 58 28.90 23.82 28.74
CA GLY B 58 29.28 23.68 30.13
C GLY B 58 28.71 22.47 30.84
N LYS B 59 28.13 21.53 30.10
CA LYS B 59 27.53 20.32 30.68
C LYS B 59 28.32 19.10 30.24
N ILE B 60 28.50 18.15 31.16
CA ILE B 60 29.10 16.86 30.82
C ILE B 60 28.04 16.02 30.11
N VAL B 61 28.28 15.71 28.83
CA VAL B 61 27.30 14.99 28.03
C VAL B 61 27.65 13.52 27.83
N SER B 62 28.90 13.13 28.03
CA SER B 62 29.31 11.75 27.82
C SER B 62 30.66 11.52 28.49
N THR B 63 30.91 10.26 28.86
CA THR B 63 32.20 9.85 29.41
C THR B 63 32.75 8.64 28.67
N GLU B 64 32.36 8.45 27.42
CA GLU B 64 32.85 7.34 26.62
C GLU B 64 34.07 7.75 25.81
N ASN B 65 34.79 6.75 25.30
CA ASN B 65 35.91 7.03 24.41
C ASN B 65 35.45 7.55 23.06
N THR B 66 34.17 7.37 22.73
CA THR B 66 33.58 7.94 21.53
C THR B 66 32.35 8.77 21.91
N TYR B 67 32.00 9.69 21.02
CA TYR B 67 30.84 10.55 21.21
C TYR B 67 30.21 10.81 19.85
N THR B 68 28.88 10.75 19.80
CA THR B 68 28.14 10.92 18.54
C THR B 68 27.41 12.25 18.56
N PHE B 69 27.67 13.07 17.54
CA PHE B 69 27.09 14.39 17.34
C PHE B 69 25.99 14.35 16.29
N ASN B 70 24.91 15.09 16.53
CA ASN B 70 23.82 15.22 15.56
C ASN B 70 23.01 16.46 15.94
N GLU B 71 22.97 17.45 15.04
CA GLU B 71 22.19 18.67 15.28
C GLU B 71 21.31 18.99 14.08
N LYS B 72 20.08 19.48 14.35
CA LYS B 72 19.15 19.89 13.30
C LYS B 72 19.49 21.27 12.75
N GLU B 73 19.86 22.21 13.62
CA GLU B 73 20.02 23.61 13.24
C GLU B 73 21.42 23.89 12.70
N LEU B 74 21.49 24.64 11.60
CA LEU B 74 22.77 25.07 11.07
C LEU B 74 23.46 26.02 12.05
N GLY B 75 24.78 26.00 12.04
CA GLY B 75 25.54 26.87 12.90
C GLY B 75 26.80 26.18 13.39
N VAL B 76 27.54 26.90 14.23
CA VAL B 76 28.82 26.43 14.74
C VAL B 76 28.63 25.94 16.18
N TYR B 77 29.07 24.71 16.44
CA TYR B 77 28.98 24.11 17.75
C TYR B 77 30.38 23.79 18.24
N THR B 78 30.63 24.04 19.53
CA THR B 78 31.88 23.67 20.18
C THR B 78 31.66 22.46 21.06
N VAL B 79 32.48 21.43 20.88
CA VAL B 79 32.51 20.28 21.78
C VAL B 79 33.93 20.18 22.35
N THR B 80 34.02 19.80 23.62
CA THR B 80 35.28 19.80 24.35
C THR B 80 35.55 18.41 24.93
N ILE B 81 36.82 18.00 24.93
CA ILE B 81 37.19 16.63 25.30
C ILE B 81 37.89 16.53 26.65
N ASN B 82 38.29 17.65 27.26
CA ASN B 82 38.90 17.56 28.59
C ASN B 82 37.92 17.00 29.61
N GLY B 88 43.46 18.24 36.42
CA GLY B 88 44.79 18.09 35.87
C GLY B 88 44.81 17.22 34.63
N THR B 89 44.22 17.71 33.56
CA THR B 89 44.06 16.95 32.33
C THR B 89 44.78 17.65 31.18
N THR B 90 44.57 17.11 29.98
CA THR B 90 44.77 17.81 28.72
C THR B 90 43.40 18.15 28.15
N THR B 91 43.36 19.19 27.31
CA THR B 91 42.09 19.68 26.79
C THR B 91 42.16 19.80 25.28
N LYS B 92 40.98 19.78 24.65
CA LYS B 92 40.88 19.88 23.21
C LYS B 92 39.48 20.32 22.83
N ASP B 93 39.37 21.40 22.06
CA ASP B 93 38.10 21.89 21.56
C ASP B 93 37.96 21.59 20.07
N VAL B 94 36.76 21.16 19.69
CA VAL B 94 36.43 20.83 18.31
C VAL B 94 35.29 21.74 17.87
N SER B 95 35.47 22.41 16.73
CA SER B 95 34.46 23.28 16.18
C SER B 95 33.72 22.55 15.06
N VAL B 96 32.42 22.33 15.25
CA VAL B 96 31.61 21.58 14.30
C VAL B 96 30.66 22.56 13.62
N GLU B 97 30.84 22.75 12.31
CA GLU B 97 30.03 23.68 11.55
C GLU B 97 28.96 22.87 10.81
N VAL B 98 27.72 22.99 11.27
CA VAL B 98 26.59 22.37 10.58
C VAL B 98 26.18 23.33 9.45
N VAL B 99 26.43 22.93 8.20
CA VAL B 99 26.28 23.86 7.08
C VAL B 99 25.53 23.27 5.90
N GLU B 100 25.36 21.96 5.80
CA GLU B 100 24.69 21.34 4.67
C GLU B 100 23.36 20.73 5.12
N THR B 101 22.41 20.66 4.18
CA THR B 101 21.12 20.03 4.43
C THR B 101 20.88 18.92 3.43
N MET B 102 19.99 18.02 3.80
CA MET B 102 19.35 17.05 2.93
C MET B 102 17.86 17.16 3.22
N PRO B 103 17.00 16.72 2.29
CA PRO B 103 15.56 17.00 2.42
C PRO B 103 14.82 16.15 3.42
N TYR B 104 15.51 15.32 4.21
CA TYR B 104 14.85 14.54 5.26
C TYR B 104 14.10 15.46 6.21
N VAL B 105 12.79 15.20 6.36
CA VAL B 105 11.89 15.98 7.21
C VAL B 105 11.01 15.02 8.00
N VAL B 106 10.82 15.31 9.28
CA VAL B 106 9.85 14.62 10.13
C VAL B 106 8.98 15.69 10.77
N LYS B 107 7.67 15.57 10.63
CA LYS B 107 6.80 16.55 11.26
C LYS B 107 5.51 15.89 11.69
N PHE B 108 4.92 16.42 12.76
CA PHE B 108 3.63 15.86 13.13
C PHE B 108 2.51 16.68 12.49
N PRO B 109 1.39 16.05 12.18
CA PRO B 109 0.36 16.74 11.40
C PRO B 109 -0.45 17.70 12.23
N THR B 110 -0.99 18.69 11.53
CA THR B 110 -1.95 19.62 12.11
C THR B 110 -3.36 19.13 11.80
N PRO B 111 -4.40 19.70 12.40
CA PRO B 111 -5.75 19.18 12.17
C PRO B 111 -6.35 19.58 10.84
N SER B 112 -5.75 20.53 10.14
CA SER B 112 -6.23 20.93 8.82
C SER B 112 -5.11 21.68 8.14
N TYR B 113 -5.28 21.89 6.84
CA TYR B 113 -4.23 22.55 6.06
C TYR B 113 -3.92 23.93 6.61
N LEU B 114 -4.93 24.69 7.02
CA LEU B 114 -4.69 26.06 7.44
C LEU B 114 -4.27 26.19 8.90
N GLN B 115 -4.50 25.17 9.70
CA GLN B 115 -4.07 25.22 11.10
C GLN B 115 -2.58 24.90 11.22
N THR B 116 -1.90 25.58 12.16
CA THR B 116 -0.46 25.42 12.26
C THR B 116 0.01 24.70 13.52
N SER B 117 -0.80 24.63 14.57
CA SER B 117 -0.40 23.95 15.79
C SER B 117 -0.38 22.44 15.60
N THR B 118 0.63 21.79 16.15
CA THR B 118 0.65 20.33 16.13
C THR B 118 0.19 19.73 17.45
N ASP B 119 -0.20 20.56 18.42
CA ASP B 119 -0.59 20.03 19.72
C ASP B 119 -1.76 19.07 19.57
N ARG B 120 -1.77 18.03 20.39
CA ARG B 120 -2.80 17.01 20.35
C ARG B 120 -3.54 16.96 21.68
N TYR B 121 -4.82 16.56 21.63
CA TYR B 121 -5.69 16.62 22.81
C TYR B 121 -6.44 15.30 22.98
N THR B 122 -6.51 14.82 24.22
CA THR B 122 -7.23 13.60 24.51
C THR B 122 -7.77 13.66 25.92
N PHE B 123 -8.69 12.75 26.21
CA PHE B 123 -9.19 12.50 27.56
C PHE B 123 -8.32 11.47 28.24
N ALA B 124 -8.27 11.53 29.59
CA ALA B 124 -7.61 10.47 30.33
C ALA B 124 -8.13 9.11 29.86
N ASP B 125 -7.19 8.18 29.65
CA ASP B 125 -7.42 6.79 29.24
C ASP B 125 -7.90 6.63 27.80
N ARG B 126 -7.96 7.71 27.01
CA ARG B 126 -8.19 7.54 25.59
C ARG B 126 -6.86 7.60 24.84
N PRO B 127 -6.52 6.60 24.04
CA PRO B 127 -5.25 6.64 23.31
C PRO B 127 -5.22 7.73 22.27
N VAL B 128 -4.02 8.24 22.01
CA VAL B 128 -3.73 9.10 20.86
C VAL B 128 -2.73 8.36 19.99
N PHE B 129 -3.05 8.22 18.71
CA PHE B 129 -2.20 7.50 17.78
C PHE B 129 -1.28 8.51 17.10
N LEU B 130 -0.06 8.61 17.59
CA LEU B 130 0.89 9.59 17.06
C LEU B 130 1.60 8.99 15.87
N ARG B 131 1.62 9.74 14.77
CA ARG B 131 2.26 9.27 13.54
C ARG B 131 2.86 10.47 12.81
N PRO B 132 4.17 10.50 12.61
CA PRO B 132 4.75 11.61 11.84
C PRO B 132 4.47 11.49 10.34
N LEU B 133 4.47 12.64 9.70
CA LEU B 133 4.63 12.72 8.25
C LEU B 133 6.12 12.77 7.93
N LEU B 134 6.51 12.15 6.81
CA LEU B 134 7.91 12.06 6.44
C LEU B 134 8.12 12.63 5.05
N GLU B 135 9.28 13.23 4.84
CA GLU B 135 9.72 13.61 3.50
C GLU B 135 11.13 13.08 3.27
N TYR B 136 11.36 12.59 2.04
CA TYR B 136 12.65 12.14 1.51
C TYR B 136 13.07 10.77 2.04
N PHE B 137 12.53 10.33 3.17
CA PHE B 137 12.84 9.00 3.68
C PHE B 137 12.40 7.92 2.69
N ASP B 138 13.28 6.93 2.50
CA ASP B 138 13.03 5.73 1.69
C ASP B 138 12.99 4.48 2.54
N ASN B 139 13.61 4.49 3.71
CA ASN B 139 13.83 3.29 4.48
C ASN B 139 13.92 3.64 5.97
N PRO B 140 12.83 4.11 6.58
CA PRO B 140 12.90 4.70 7.92
C PRO B 140 12.85 3.67 9.04
N ARG B 141 13.47 4.03 10.17
CA ARG B 141 13.37 3.29 11.43
C ARG B 141 12.97 4.26 12.52
N PHE B 142 12.24 3.78 13.53
CA PHE B 142 11.55 4.64 14.48
C PHE B 142 11.96 4.35 15.92
N GLU B 143 12.17 5.43 16.68
CA GLU B 143 12.35 5.38 18.12
C GLU B 143 11.43 6.40 18.75
N TRP B 144 10.86 6.07 19.91
CA TRP B 144 9.87 6.93 20.53
C TRP B 144 10.21 7.15 22.00
N SER B 145 9.97 8.38 22.48
CA SER B 145 10.20 8.74 23.87
C SER B 145 9.02 9.53 24.41
N VAL B 146 8.77 9.41 25.70
CA VAL B 146 7.77 10.23 26.37
C VAL B 146 8.45 10.92 27.54
N ASP B 147 8.39 12.26 27.56
CA ASP B 147 9.00 13.06 28.63
C ASP B 147 10.42 12.61 28.94
N GLY B 148 11.20 12.40 27.86
CA GLY B 148 12.61 12.11 27.97
C GLY B 148 12.97 10.65 28.16
N GLN B 149 12.00 9.75 28.31
CA GLN B 149 12.27 8.33 28.52
C GLN B 149 11.97 7.56 27.23
N VAL B 150 12.96 6.82 26.73
CA VAL B 150 12.73 5.96 25.57
C VAL B 150 11.67 4.92 25.91
N MET B 151 10.71 4.74 25.01
CA MET B 151 9.67 3.72 25.16
C MET B 151 10.20 2.45 24.53
N GLU B 152 10.61 1.50 25.38
CA GLU B 152 11.23 0.28 24.89
C GLU B 152 10.28 -0.47 23.98
N GLY B 153 10.79 -0.94 22.86
CA GLY B 153 9.99 -1.74 21.97
C GLY B 153 9.06 -0.98 21.05
N GLU B 154 8.99 0.34 21.12
CA GLU B 154 8.11 1.12 20.24
C GLU B 154 8.93 1.54 19.03
N VAL B 155 8.81 0.77 17.95
CA VAL B 155 9.69 0.94 16.79
C VAL B 155 8.89 1.00 15.49
N GLU B 156 7.63 1.37 15.57
CA GLU B 156 6.74 1.42 14.41
C GLU B 156 6.41 2.85 14.05
N ARG B 157 5.84 3.00 12.85
CA ARG B 157 5.51 4.31 12.30
C ARG B 157 4.50 5.06 13.17
N MET B 158 3.62 4.35 13.86
CA MET B 158 2.72 4.94 14.83
C MET B 158 3.12 4.52 16.24
N PHE B 159 2.85 5.40 17.18
CA PHE B 159 2.99 5.10 18.60
C PHE B 159 1.65 5.40 19.27
N LYS B 160 1.07 4.40 19.92
CA LYS B 160 -0.19 4.56 20.63
C LYS B 160 0.10 5.01 22.06
N PHE B 161 -0.21 6.27 22.36
CA PHE B 161 0.10 6.85 23.66
C PHE B 161 -1.19 7.08 24.43
N THR B 162 -1.28 6.48 25.63
CA THR B 162 -2.49 6.63 26.43
C THR B 162 -2.14 7.27 27.76
N PRO B 163 -2.40 8.56 27.94
CA PRO B 163 -2.21 9.14 29.26
C PRO B 163 -3.35 8.75 30.17
N SER B 164 -3.02 8.61 31.45
CA SER B 164 -4.03 8.26 32.44
C SER B 164 -4.32 9.40 33.40
N ALA B 165 -3.70 10.56 33.21
CA ALA B 165 -3.98 11.69 34.08
C ALA B 165 -3.88 12.96 33.28
N PRO B 166 -4.67 13.98 33.62
CA PRO B 166 -4.53 15.27 32.97
C PRO B 166 -3.13 15.83 33.11
N GLY B 167 -2.70 16.53 32.08
CA GLY B 167 -1.40 17.17 32.08
C GLY B 167 -0.90 17.30 30.66
N GLU B 168 0.34 17.75 30.53
CA GLU B 168 1.00 17.89 29.24
C GLU B 168 2.17 16.93 29.15
N TYR B 169 2.25 16.20 28.03
CA TYR B 169 3.26 15.17 27.83
C TYR B 169 3.99 15.47 26.54
N THR B 170 5.31 15.42 26.58
CA THR B 170 6.13 15.71 25.41
C THR B 170 6.59 14.40 24.81
N VAL B 171 6.14 14.12 23.58
CA VAL B 171 6.46 12.88 22.89
C VAL B 171 7.44 13.22 21.80
N SER B 172 8.51 12.42 21.72
CA SER B 172 9.58 12.60 20.74
C SER B 172 9.64 11.37 19.84
N CYS B 173 9.84 11.59 18.54
CA CYS B 173 10.07 10.52 17.58
C CYS B 173 11.37 10.82 16.83
N THR B 174 12.32 9.88 16.84
CA THR B 174 13.50 9.97 16.01
C THR B 174 13.37 8.98 14.87
N VAL B 175 13.40 9.49 13.63
CA VAL B 175 13.31 8.69 12.42
C VAL B 175 14.69 8.64 11.81
N SER B 176 15.24 7.44 11.68
CA SER B 176 16.59 7.30 11.13
C SER B 176 16.56 6.53 9.82
N GLU B 177 17.59 6.72 9.01
CA GLU B 177 17.75 5.97 7.76
C GLU B 177 19.21 5.67 7.54
N ASP B 178 19.49 4.43 7.18
CA ASP B 178 20.84 3.98 6.86
C ASP B 178 21.25 4.64 5.53
N THR B 179 22.01 5.70 5.62
CA THR B 179 22.42 6.45 4.43
C THR B 179 23.92 6.28 4.23
N PRO B 180 24.44 6.64 3.05
CA PRO B 180 25.87 6.39 2.76
C PRO B 180 26.79 6.99 3.82
N THR B 181 27.70 6.15 4.33
CA THR B 181 28.68 6.58 5.30
C THR B 181 29.91 7.16 4.61
N GLU B 182 30.78 7.77 5.40
CA GLU B 182 31.97 8.42 4.87
C GLU B 182 32.96 8.60 6.01
N LYS B 183 34.21 8.20 5.78
CA LYS B 183 35.26 8.51 6.74
C LYS B 183 35.63 9.97 6.55
N ILE B 184 35.39 10.78 7.57
CA ILE B 184 35.66 12.21 7.46
C ILE B 184 37.11 12.51 7.80
N SER B 185 37.65 11.76 8.77
CA SER B 185 39.07 11.79 9.12
C SER B 185 39.36 10.49 9.84
N ARG B 186 40.62 10.28 10.20
CA ARG B 186 40.99 9.07 10.92
C ARG B 186 40.28 8.95 12.27
N ASN B 187 39.66 10.04 12.75
CA ASN B 187 38.98 10.04 14.03
C ASN B 187 37.51 10.46 13.94
N ILE B 188 36.97 10.65 12.74
CA ILE B 188 35.60 11.12 12.57
C ILE B 188 34.92 10.27 11.51
N ASP B 189 33.79 9.66 11.86
CA ASP B 189 32.98 8.89 10.93
C ASP B 189 31.62 9.55 10.75
N LYS B 190 31.21 9.71 9.49
CA LYS B 190 29.86 10.15 9.15
C LYS B 190 28.95 8.94 9.08
N GLY B 191 27.90 8.93 9.91
CA GLY B 191 27.01 7.78 10.05
C GLY B 191 25.63 8.01 9.47
N LYS B 192 24.61 7.42 10.10
CA LYS B 192 23.28 7.43 9.51
C LYS B 192 22.59 8.79 9.70
N THR B 193 21.53 8.97 8.91
CA THR B 193 20.64 10.10 9.09
C THR B 193 19.71 9.83 10.27
N ALA B 194 19.48 10.84 11.09
CA ALA B 194 18.51 10.69 12.18
C ALA B 194 17.87 12.04 12.44
N VAL B 195 16.55 12.12 12.24
CA VAL B 195 15.79 13.35 12.38
C VAL B 195 14.81 13.18 13.52
N THR B 196 14.78 14.14 14.43
CA THR B 196 13.92 14.08 15.60
C THR B 196 12.84 15.15 15.53
N ALA B 197 11.61 14.76 15.81
CA ALA B 197 10.49 15.68 15.92
C ALA B 197 9.80 15.46 17.25
N THR B 198 9.18 16.50 17.78
CA THR B 198 8.50 16.44 19.06
C THR B 198 7.08 16.94 18.92
N VAL B 199 6.16 16.39 19.72
CA VAL B 199 4.77 16.82 19.72
C VAL B 199 4.24 16.83 21.14
N LYS B 200 3.38 17.81 21.44
CA LYS B 200 2.81 17.96 22.76
C LYS B 200 1.44 17.29 22.79
N VAL B 201 1.25 16.40 23.76
CA VAL B 201 -0.04 15.78 24.00
C VAL B 201 -0.63 16.36 25.27
N VAL B 202 -1.79 16.99 25.14
CA VAL B 202 -2.49 17.60 26.27
C VAL B 202 -3.60 16.65 26.68
N CYS B 203 -3.51 16.07 27.88
CA CYS B 203 -4.61 15.30 28.43
C CYS B 203 -5.47 16.28 29.24
N VAL B 204 -6.67 16.56 28.74
CA VAL B 204 -7.50 17.62 29.34
C VAL B 204 -8.06 17.16 30.68
N ASP B 205 -8.38 18.15 31.52
CA ASP B 205 -8.91 17.86 32.85
C ASP B 205 -10.34 17.32 32.81
N LYS B 206 -11.06 17.54 31.71
CA LYS B 206 -12.48 17.21 31.55
C LYS B 206 -12.69 15.71 31.33
N LYS B 207 -13.87 15.22 31.74
CA LYS B 207 -14.35 13.93 31.30
C LYS B 207 -15.17 14.10 30.01
N GLU B 208 -15.17 13.05 29.18
CA GLU B 208 -15.83 13.14 27.88
C GLU B 208 -17.31 13.51 28.01
N GLN B 209 -18.02 12.88 28.95
CA GLN B 209 -19.46 13.14 29.04
C GLN B 209 -19.76 14.60 29.40
N ASP B 210 -18.82 15.29 30.04
CA ASP B 210 -19.02 16.68 30.44
C ASP B 210 -18.86 17.66 29.28
N GLY B 211 -18.35 17.20 28.14
CA GLY B 211 -18.26 18.02 26.95
C GLY B 211 -19.42 17.88 26.01
N PHE B 212 -20.45 17.13 26.37
CA PHE B 212 -21.61 16.99 25.51
C PHE B 212 -22.38 18.30 25.52
N ARG B 213 -22.53 18.91 24.34
CA ARG B 213 -23.21 20.19 24.18
C ARG B 213 -24.69 19.95 23.89
N ALA B 214 -25.56 20.49 24.75
CA ALA B 214 -27.00 20.21 24.72
C ALA B 214 -27.85 21.48 24.73
N SER B 215 -27.38 22.55 24.09
CA SER B 215 -28.12 23.80 24.09
C SER B 215 -28.36 24.31 22.66
N GLY B 216 -28.48 23.40 21.71
CA GLY B 216 -28.65 23.80 20.32
C GLY B 216 -30.09 24.16 19.97
N SER B 217 -30.23 24.79 18.81
CA SER B 217 -31.55 25.11 18.27
C SER B 217 -31.76 24.65 16.84
N SER B 218 -30.74 24.16 16.16
CA SER B 218 -30.87 23.74 14.77
C SER B 218 -30.28 22.35 14.59
N LYS B 219 -30.97 21.51 13.84
CA LYS B 219 -30.40 20.21 13.48
C LYS B 219 -29.45 20.31 12.30
N LEU B 220 -29.44 21.42 11.58
CA LEU B 220 -28.49 21.57 10.50
C LEU B 220 -27.12 22.00 11.03
N TRP B 221 -26.09 21.76 10.21
CA TRP B 221 -24.79 22.38 10.44
C TRP B 221 -24.97 23.87 10.74
N ASN B 222 -24.12 24.43 11.59
CA ASN B 222 -24.25 25.86 11.89
C ASN B 222 -23.08 26.72 11.42
N LYS B 223 -21.96 26.12 11.03
CA LYS B 223 -20.78 26.88 10.62
C LYS B 223 -19.89 26.03 9.73
N VAL B 224 -19.36 26.64 8.67
CA VAL B 224 -18.26 26.08 7.88
C VAL B 224 -16.96 26.67 8.43
N TYR B 225 -16.03 25.80 8.81
CA TYR B 225 -14.78 26.29 9.36
C TYR B 225 -13.69 26.39 8.31
N GLU B 226 -13.75 25.55 7.28
CA GLU B 226 -12.69 25.56 6.28
C GLU B 226 -13.19 24.82 5.04
N TYR B 227 -12.79 25.32 3.88
CA TYR B 227 -13.14 24.71 2.60
C TYR B 227 -11.84 24.67 1.81
N THR B 228 -11.19 23.51 1.80
CA THR B 228 -9.87 23.32 1.17
C THR B 228 -10.04 22.15 0.21
N PRO B 229 -10.64 22.39 -0.95
CA PRO B 229 -10.77 21.34 -1.95
C PRO B 229 -9.42 21.06 -2.59
N ALA B 230 -9.35 19.90 -3.22
CA ALA B 230 -8.27 19.59 -4.17
C ALA B 230 -8.61 20.25 -5.50
N PRO B 231 -7.65 20.32 -6.43
CA PRO B 231 -7.98 20.85 -7.77
C PRO B 231 -9.10 20.06 -8.41
N GLY B 232 -9.91 20.75 -9.22
CA GLY B 232 -11.03 20.10 -9.87
C GLY B 232 -11.73 21.08 -10.79
N GLN B 233 -12.48 20.51 -11.74
CA GLN B 233 -13.12 21.30 -12.78
C GLN B 233 -14.17 22.26 -12.24
N PHE B 234 -14.72 22.00 -11.05
CA PHE B 234 -15.70 22.92 -10.49
C PHE B 234 -15.06 23.98 -9.59
N ILE B 235 -13.75 23.91 -9.40
CA ILE B 235 -13.07 24.86 -8.53
C ILE B 235 -12.73 26.10 -9.36
N ASN B 236 -13.15 27.27 -8.86
CA ASN B 236 -13.07 28.55 -9.57
C ASN B 236 -13.96 28.58 -10.82
N GLU B 237 -14.98 27.73 -10.88
CA GLU B 237 -15.84 27.62 -12.05
C GLU B 237 -16.95 28.64 -11.91
N THR B 238 -17.02 29.60 -12.84
CA THR B 238 -17.86 30.78 -12.67
C THR B 238 -19.10 30.78 -13.57
N SER B 239 -19.34 29.70 -14.30
CA SER B 239 -20.61 29.60 -15.02
C SER B 239 -21.74 29.40 -14.02
N THR B 240 -22.99 29.43 -14.51
CA THR B 240 -24.11 29.19 -13.62
C THR B 240 -24.03 27.79 -13.01
N ILE B 241 -23.36 26.86 -13.68
CA ILE B 241 -23.22 25.51 -13.17
C ILE B 241 -22.22 25.48 -11.99
N GLY B 242 -21.13 26.25 -12.08
CA GLY B 242 -20.15 26.21 -11.00
C GLY B 242 -20.50 27.11 -9.84
N GLY B 243 -21.12 28.25 -10.10
CA GLY B 243 -21.58 29.15 -9.07
C GLY B 243 -20.52 29.98 -8.38
N MET B 244 -19.26 29.90 -8.78
CA MET B 244 -18.27 30.77 -8.17
C MET B 244 -18.24 32.11 -8.89
N THR B 245 -17.62 33.11 -8.25
CA THR B 245 -17.48 34.44 -8.82
C THR B 245 -16.09 34.71 -9.39
N GLY B 246 -15.10 33.94 -8.96
CA GLY B 246 -13.72 34.30 -9.17
C GLY B 246 -13.16 35.13 -8.04
N ASN B 247 -13.99 35.54 -7.09
CA ASN B 247 -13.50 36.34 -5.98
C ASN B 247 -13.25 35.47 -4.76
N GLU B 248 -13.15 34.14 -4.95
CA GLU B 248 -12.72 33.22 -3.89
C GLU B 248 -11.20 33.27 -3.81
N THR B 249 -10.69 34.40 -3.31
CA THR B 249 -9.26 34.69 -3.33
C THR B 249 -8.69 34.79 -1.93
N SER B 250 -9.38 34.21 -0.95
CA SER B 250 -8.87 34.04 0.40
C SER B 250 -9.61 32.88 1.03
N PRO B 251 -9.05 32.27 2.09
CA PRO B 251 -9.80 31.22 2.78
C PRO B 251 -11.13 31.73 3.33
N GLU B 252 -11.16 32.97 3.82
CA GLU B 252 -12.41 33.54 4.33
C GLU B 252 -13.45 33.64 3.23
N ALA B 253 -13.05 34.08 2.04
CA ALA B 253 -13.99 34.18 0.93
C ALA B 253 -14.47 32.80 0.51
N ALA B 254 -13.58 31.79 0.55
CA ALA B 254 -13.99 30.45 0.18
C ALA B 254 -15.00 29.90 1.17
N VAL B 255 -14.77 30.16 2.47
CA VAL B 255 -15.69 29.70 3.50
C VAL B 255 -17.02 30.40 3.37
N ALA B 256 -17.01 31.70 3.08
CA ALA B 256 -18.28 32.42 2.93
C ALA B 256 -19.08 31.87 1.75
N TRP B 257 -18.39 31.56 0.64
CA TRP B 257 -19.05 30.99 -0.53
C TRP B 257 -19.65 29.63 -0.20
N ALA B 258 -18.87 28.75 0.43
CA ALA B 258 -19.41 27.42 0.76
C ALA B 258 -20.58 27.53 1.74
N THR B 259 -20.50 28.47 2.69
CA THR B 259 -21.59 28.64 3.65
C THR B 259 -22.89 28.97 2.92
N GLN B 260 -22.84 29.90 1.98
CA GLN B 260 -24.05 30.26 1.27
C GLN B 260 -24.54 29.10 0.40
N ARG B 261 -23.62 28.38 -0.25
CA ARG B 261 -24.02 27.23 -1.07
C ARG B 261 -24.75 26.18 -0.24
N LEU B 262 -24.19 25.84 0.93
CA LEU B 262 -24.85 24.84 1.77
C LEU B 262 -26.21 25.34 2.27
N LYS B 263 -26.30 26.61 2.65
CA LYS B 263 -27.59 27.14 3.06
C LYS B 263 -28.64 26.94 1.98
N ASP B 264 -28.28 27.17 0.71
CA ASP B 264 -29.19 27.01 -0.43
C ASP B 264 -29.25 25.57 -0.93
N LYS B 265 -28.53 24.65 -0.28
CA LYS B 265 -28.40 23.27 -0.70
C LYS B 265 -28.00 23.15 -2.18
N LEU B 266 -26.97 23.90 -2.53
CA LEU B 266 -26.30 23.86 -3.83
C LEU B 266 -24.94 23.20 -3.65
N HIS B 267 -24.35 22.72 -4.74
CA HIS B 267 -23.22 21.82 -4.56
C HIS B 267 -21.99 22.58 -4.05
N VAL B 268 -21.20 21.88 -3.25
CA VAL B 268 -19.84 22.32 -2.93
C VAL B 268 -18.94 21.15 -3.34
N SER B 269 -18.10 21.36 -4.36
CA SER B 269 -17.26 20.29 -4.84
C SER B 269 -15.95 20.23 -4.07
N LEU B 270 -15.52 19.03 -3.74
CA LEU B 270 -14.26 18.85 -3.03
C LEU B 270 -13.08 18.66 -3.97
N GLY B 271 -13.29 18.64 -5.28
CA GLY B 271 -12.18 18.37 -6.20
C GLY B 271 -11.68 16.93 -6.06
N SER B 272 -10.45 16.73 -6.53
CA SER B 272 -9.84 15.40 -6.58
C SER B 272 -9.47 14.90 -5.17
N PHE B 273 -8.64 13.84 -5.12
CA PHE B 273 -8.36 13.18 -3.84
C PHE B 273 -7.95 14.18 -2.77
N GLY B 274 -8.53 14.02 -1.57
CA GLY B 274 -8.06 14.72 -0.39
C GLY B 274 -8.74 16.03 -0.12
N GLY B 275 -9.43 16.60 -1.12
CA GLY B 275 -10.15 17.83 -0.88
C GLY B 275 -11.21 17.66 0.21
N TYR B 276 -11.41 18.71 0.98
CA TYR B 276 -12.30 18.56 2.12
C TYR B 276 -13.01 19.84 2.49
N ILE B 277 -14.04 19.66 3.32
CA ILE B 277 -14.74 20.75 3.99
C ILE B 277 -14.95 20.33 5.44
N ILE B 278 -14.88 21.29 6.36
CA ILE B 278 -15.06 21.05 7.80
C ILE B 278 -16.26 21.88 8.24
N VAL B 279 -17.25 21.22 8.84
CA VAL B 279 -18.43 21.90 9.37
C VAL B 279 -18.64 21.52 10.83
N GLY B 280 -19.42 22.33 11.53
CA GLY B 280 -19.81 22.04 12.89
C GLY B 280 -21.30 22.23 13.09
N PHE B 281 -21.73 21.99 14.34
CA PHE B 281 -23.12 22.10 14.75
C PHE B 281 -23.19 22.93 16.03
N ASP B 282 -24.39 23.43 16.35
CA ASP B 282 -24.55 24.26 17.56
C ASP B 282 -24.80 23.41 18.81
N HIS B 283 -24.66 22.09 18.68
CA HIS B 283 -24.81 21.13 19.77
C HIS B 283 -24.00 19.90 19.38
N SER B 284 -23.87 18.96 20.30
CA SER B 284 -23.21 17.70 20.00
C SER B 284 -24.22 16.70 19.45
N ILE B 285 -23.82 15.97 18.42
CA ILE B 285 -24.64 14.88 17.87
C ILE B 285 -24.29 13.61 18.64
N PRO B 286 -25.25 12.99 19.34
CA PRO B 286 -24.94 11.79 20.11
C PRO B 286 -24.76 10.54 19.26
N ASN B 287 -23.92 9.65 19.77
CA ASN B 287 -23.82 8.27 19.26
C ASN B 287 -25.07 7.55 19.72
N SER B 288 -26.07 7.45 18.85
CA SER B 288 -27.40 7.07 19.29
C SER B 288 -27.70 5.61 18.94
N GLY B 289 -28.87 5.15 19.38
CA GLY B 289 -29.38 3.86 19.00
C GLY B 289 -30.15 3.86 17.70
N ASN B 290 -30.31 5.01 17.07
CA ASN B 290 -31.06 5.13 15.83
C ASN B 290 -30.29 4.49 14.67
N GLN B 291 -30.99 4.30 13.55
CA GLN B 291 -30.32 3.73 12.39
C GLN B 291 -29.17 4.61 11.95
N TYR B 292 -29.39 5.92 11.88
CA TYR B 292 -28.34 6.86 11.50
C TYR B 292 -28.32 8.03 12.49
N ASP B 293 -27.12 8.51 12.81
CA ASP B 293 -27.00 9.68 13.66
C ASP B 293 -27.08 10.98 12.86
N PHE B 294 -26.60 10.99 11.62
CA PHE B 294 -26.64 12.21 10.81
C PHE B 294 -26.63 11.78 9.36
N CYS B 295 -26.96 12.73 8.49
CA CYS B 295 -26.87 12.46 7.06
C CYS B 295 -26.16 13.60 6.34
N VAL B 296 -25.72 13.30 5.13
CA VAL B 296 -25.06 14.26 4.26
C VAL B 296 -25.71 14.16 2.89
N GLN B 297 -26.03 15.30 2.29
CA GLN B 297 -26.66 15.31 0.98
C GLN B 297 -25.56 15.34 -0.07
N GLY B 298 -25.59 14.36 -0.98
CA GLY B 298 -24.77 14.36 -2.16
C GLY B 298 -25.62 14.52 -3.41
N ASN B 299 -25.08 14.05 -4.55
CA ASN B 299 -25.89 14.00 -5.77
C ASN B 299 -25.63 12.69 -6.51
N ALA B 300 -25.48 11.61 -5.77
CA ALA B 300 -25.17 10.34 -6.41
C ALA B 300 -26.38 9.73 -7.10
N PHE B 301 -26.10 9.06 -8.20
CA PHE B 301 -27.03 8.16 -8.87
C PHE B 301 -26.20 7.00 -9.42
N ASP B 302 -26.87 5.98 -9.95
CA ASP B 302 -26.15 4.78 -10.38
C ASP B 302 -25.20 5.12 -11.52
N GLY B 303 -23.90 4.92 -11.29
CA GLY B 303 -22.87 5.34 -12.21
C GLY B 303 -22.20 6.65 -11.87
N SER B 304 -22.69 7.36 -10.86
CA SER B 304 -22.12 8.65 -10.44
C SER B 304 -21.84 8.62 -8.95
N SER B 305 -20.93 7.74 -8.53
CA SER B 305 -20.47 7.66 -7.15
C SER B 305 -19.08 8.29 -7.07
N GLU B 306 -18.92 9.27 -6.19
CA GLU B 306 -17.68 10.01 -6.02
C GLU B 306 -17.44 10.06 -4.52
N PRO B 307 -16.94 8.96 -3.95
CA PRO B 307 -17.10 8.73 -2.50
C PRO B 307 -16.25 9.68 -1.65
N GLY B 308 -16.89 10.20 -0.61
CA GLY B 308 -16.21 11.03 0.38
C GLY B 308 -16.06 10.25 1.67
N ILE B 309 -14.84 10.27 2.21
CA ILE B 309 -14.57 9.72 3.53
C ILE B 309 -15.13 10.68 4.58
N VAL B 310 -15.84 10.15 5.58
CA VAL B 310 -16.35 10.96 6.68
C VAL B 310 -15.37 10.86 7.84
N TRP B 311 -14.93 12.01 8.36
CA TRP B 311 -14.15 12.09 9.58
C TRP B 311 -14.94 12.91 10.59
N VAL B 312 -14.85 12.53 11.85
CA VAL B 312 -15.60 13.21 12.91
C VAL B 312 -14.66 13.63 14.04
N MET B 313 -15.08 14.64 14.79
CA MET B 313 -14.21 15.22 15.81
C MET B 313 -15.07 15.68 16.97
N GLN B 314 -14.59 15.40 18.19
CA GLN B 314 -15.11 16.00 19.41
C GLN B 314 -14.27 17.22 19.76
N ASP B 315 -14.92 18.26 20.30
CA ASP B 315 -14.23 19.46 20.77
C ASP B 315 -13.60 19.21 22.15
N ILE B 316 -12.58 18.33 22.15
CA ILE B 316 -11.99 17.82 23.39
C ILE B 316 -11.51 18.95 24.28
N ASN B 317 -10.84 19.95 23.69
CA ASN B 317 -10.28 21.05 24.47
C ASN B 317 -11.29 22.18 24.71
N GLY B 318 -12.53 22.04 24.27
CA GLY B 318 -13.60 22.92 24.70
C GLY B 318 -13.57 24.33 24.15
N ASN B 319 -12.79 24.58 23.10
CA ASN B 319 -12.64 25.96 22.62
C ASN B 319 -13.53 26.28 21.43
N GLY B 320 -14.42 25.37 21.04
CA GLY B 320 -15.34 25.60 19.95
C GLY B 320 -14.75 25.47 18.57
N LEU B 321 -13.46 25.17 18.46
CA LEU B 321 -12.73 25.11 17.19
C LEU B 321 -12.40 23.66 16.85
N PRO B 322 -12.39 23.31 15.55
CA PRO B 322 -12.08 21.92 15.14
C PRO B 322 -10.57 21.71 15.07
N ASP B 323 -9.94 21.75 16.25
CA ASP B 323 -8.48 21.69 16.38
C ASP B 323 -8.06 20.52 17.24
N ASP B 324 -8.95 19.56 17.41
CA ASP B 324 -8.74 18.38 18.25
C ASP B 324 -8.38 17.19 17.37
N GLU B 325 -8.94 16.02 17.63
CA GLU B 325 -8.55 14.80 16.93
C GLU B 325 -9.62 14.39 15.91
N TRP B 326 -9.20 14.05 14.68
CA TRP B 326 -10.13 13.44 13.71
C TRP B 326 -10.17 11.94 13.91
N TYR B 327 -11.38 11.37 13.77
CA TYR B 327 -11.58 9.93 13.74
C TYR B 327 -12.35 9.56 12.49
N GLU B 328 -11.80 8.61 11.72
CA GLU B 328 -12.44 8.15 10.50
C GLU B 328 -13.68 7.33 10.80
N LEU B 329 -14.75 7.54 10.03
CA LEU B 329 -15.85 6.57 10.00
C LEU B 329 -15.51 5.48 8.99
N LYS B 330 -15.37 4.25 9.46
CA LYS B 330 -15.09 3.16 8.53
C LYS B 330 -16.25 2.96 7.56
N GLY B 331 -15.90 2.54 6.35
CA GLY B 331 -16.89 2.15 5.37
C GLY B 331 -16.62 0.76 4.86
N SER B 332 -17.29 0.38 3.77
CA SER B 332 -17.24 -0.99 3.28
C SER B 332 -15.85 -1.43 2.82
N GLU B 333 -14.95 -0.49 2.52
CA GLU B 333 -13.60 -0.86 2.08
C GLU B 333 -12.57 -0.85 3.20
N ALA B 334 -12.96 -0.50 4.43
CA ALA B 334 -11.99 -0.43 5.52
C ALA B 334 -11.32 -1.77 5.75
N GLY B 335 -10.01 -1.75 5.92
CA GLY B 335 -9.28 -2.96 6.20
C GLY B 335 -8.87 -3.77 4.98
N LYS B 336 -9.42 -3.49 3.79
CA LYS B 336 -9.00 -4.23 2.60
C LYS B 336 -7.59 -3.84 2.21
N GLU B 337 -6.79 -4.82 1.80
CA GLU B 337 -5.39 -4.52 1.51
C GLU B 337 -5.25 -3.53 0.36
N GLU B 338 -6.26 -3.40 -0.50
CA GLU B 338 -6.15 -2.43 -1.59
C GLU B 338 -6.50 -1.00 -1.17
N THR B 339 -7.14 -0.82 -0.03
CA THR B 339 -7.40 0.51 0.51
C THR B 339 -6.12 1.07 1.10
N ILE B 340 -5.84 2.36 0.87
CA ILE B 340 -4.60 2.96 1.39
C ILE B 340 -4.95 3.96 2.49
N GLN B 341 -4.65 3.57 3.72
CA GLN B 341 -4.74 4.52 4.82
C GLN B 341 -3.61 5.55 4.70
N ASN B 342 -3.89 6.78 5.12
CA ASN B 342 -2.82 7.79 5.21
C ASN B 342 -2.15 8.02 3.85
N PHE B 343 -2.93 7.90 2.78
CA PHE B 343 -2.47 8.31 1.46
C PHE B 343 -2.20 9.82 1.43
N GLU B 344 -1.27 10.23 0.55
CA GLU B 344 -0.93 11.65 0.37
C GLU B 344 -0.89 11.97 -1.11
N VAL B 345 -1.41 13.14 -1.48
CA VAL B 345 -1.31 13.61 -2.85
C VAL B 345 -0.88 15.07 -2.79
N THR B 346 0.19 15.39 -3.53
CA THR B 346 0.68 16.76 -3.63
C THR B 346 0.25 17.28 -5.00
N TYR B 347 -0.48 18.40 -4.99
CA TYR B 347 -0.91 19.07 -6.21
C TYR B 347 -0.04 20.30 -6.47
N TYR B 348 0.11 20.65 -7.75
CA TYR B 348 0.98 21.75 -8.15
C TYR B 348 0.20 22.76 -8.97
N ARG B 349 0.33 24.04 -8.62
CA ARG B 349 -0.31 25.08 -9.43
C ARG B 349 0.42 25.18 -10.77
N PRO B 350 -0.27 25.01 -11.89
CA PRO B 350 0.42 25.09 -13.18
C PRO B 350 0.98 26.50 -13.40
N GLU B 351 1.98 26.58 -14.28
CA GLU B 351 2.65 27.85 -14.53
C GLU B 351 1.87 28.76 -15.46
N GLY B 352 0.79 28.29 -16.08
CA GLY B 352 0.03 29.10 -17.00
C GLY B 352 -1.45 28.77 -16.94
N LYS B 353 -2.22 29.57 -17.68
CA LYS B 353 -3.67 29.41 -17.73
C LYS B 353 -4.07 28.20 -18.58
N LYS B 354 -5.25 27.67 -18.26
CA LYS B 354 -5.90 26.61 -19.06
C LYS B 354 -5.02 25.37 -19.19
N MET B 355 -4.45 24.94 -18.06
CA MET B 355 -3.56 23.79 -18.04
C MET B 355 -4.10 22.68 -17.14
N ASP B 356 -3.70 21.45 -17.47
CA ASP B 356 -3.86 20.33 -16.54
C ASP B 356 -3.17 20.64 -15.20
N VAL B 357 -3.64 20.00 -14.12
CA VAL B 357 -3.05 20.21 -12.81
C VAL B 357 -2.33 18.93 -12.39
N GLN B 358 -1.00 19.00 -12.29
CA GLN B 358 -0.17 17.84 -11.96
C GLN B 358 -0.27 17.48 -10.48
N TRP B 359 -0.13 16.19 -10.21
CA TRP B 359 -0.02 15.69 -8.84
C TRP B 359 1.05 14.59 -8.78
N ILE B 360 1.56 14.39 -7.57
CA ILE B 360 2.44 13.27 -7.25
C ILE B 360 1.89 12.68 -5.96
N SER B 361 1.82 11.35 -5.89
CA SER B 361 1.24 10.69 -4.73
C SER B 361 2.28 9.93 -3.92
N SER B 362 1.88 9.56 -2.69
CA SER B 362 2.80 8.97 -1.74
C SER B 362 3.22 7.57 -2.11
N ASP B 363 2.49 6.90 -3.00
CA ASP B 363 2.89 5.59 -3.53
C ASP B 363 3.84 5.72 -4.72
N GLY B 364 4.30 6.93 -5.03
CA GLY B 364 5.29 7.11 -6.07
C GLY B 364 4.73 7.36 -7.46
N ARG B 365 3.41 7.43 -7.61
CA ARG B 365 2.79 7.67 -8.90
C ARG B 365 2.68 9.17 -9.17
N ASN B 366 2.47 9.50 -10.44
CA ASN B 366 2.16 10.88 -10.81
C ASN B 366 1.09 10.86 -11.89
N GLY B 367 0.37 11.96 -11.98
CA GLY B 367 -0.69 12.09 -12.96
C GLY B 367 -1.16 13.52 -12.96
N TRP B 368 -2.34 13.75 -13.54
CA TRP B 368 -2.86 15.11 -13.55
C TRP B 368 -4.39 15.08 -13.58
N VAL B 369 -4.98 16.13 -13.04
CA VAL B 369 -6.37 16.46 -13.29
C VAL B 369 -6.46 17.13 -14.67
N ASP B 370 -7.37 16.64 -15.51
CA ASP B 370 -7.49 17.18 -16.87
C ASP B 370 -8.15 18.55 -16.88
N TYR B 371 -7.60 19.47 -17.67
CA TYR B 371 -8.34 20.67 -18.05
C TYR B 371 -9.34 20.30 -19.13
N LEU B 372 -10.59 20.73 -18.97
CA LEU B 372 -11.64 20.37 -19.93
C LEU B 372 -12.21 21.63 -20.59
N SER B 373 -11.58 22.04 -21.69
CA SER B 373 -11.99 23.29 -22.32
C SER B 373 -13.41 23.25 -22.89
N ALA B 374 -13.98 22.06 -23.12
CA ALA B 374 -15.33 21.98 -23.63
C ALA B 374 -16.38 22.40 -22.60
N TYR B 375 -16.05 22.34 -21.30
CA TYR B 375 -17.07 22.44 -20.27
C TYR B 375 -16.78 23.46 -19.19
N HIS B 376 -15.51 23.62 -18.78
CA HIS B 376 -15.17 24.44 -17.62
C HIS B 376 -13.98 25.31 -18.01
N THR B 377 -14.27 26.56 -18.39
CA THR B 377 -13.32 27.35 -19.15
C THR B 377 -12.59 28.39 -18.31
N GLN B 378 -12.64 28.30 -16.98
CA GLN B 378 -11.88 29.19 -16.12
C GLN B 378 -10.38 28.94 -16.30
N ASP B 379 -9.59 29.91 -15.86
CA ASP B 379 -8.15 29.83 -16.10
C ASP B 379 -7.46 28.75 -15.26
N TYR B 380 -7.95 28.46 -14.04
CA TYR B 380 -7.25 27.53 -13.14
C TYR B 380 -8.23 26.58 -12.48
N TYR B 381 -7.87 25.28 -12.40
CA TYR B 381 -8.62 24.33 -11.57
C TYR B 381 -8.01 24.15 -10.19
N TYR B 382 -6.80 24.63 -9.97
CA TYR B 382 -6.21 24.68 -8.64
C TYR B 382 -6.86 25.83 -7.87
N PRO B 383 -7.27 25.65 -6.62
CA PRO B 383 -8.09 26.70 -5.97
C PRO B 383 -7.37 28.03 -5.90
N ALA B 384 -8.07 29.10 -6.27
CA ALA B 384 -7.44 30.41 -6.31
C ALA B 384 -7.03 30.88 -4.94
N TRP B 385 -7.58 30.30 -3.88
CA TRP B 385 -7.34 30.83 -2.55
C TRP B 385 -6.29 30.03 -1.78
N ILE B 386 -5.62 29.07 -2.41
CA ILE B 386 -4.51 28.37 -1.80
C ILE B 386 -3.26 29.16 -2.15
N SER B 387 -2.60 29.73 -1.14
CA SER B 387 -1.50 30.67 -1.39
C SER B 387 -0.25 29.96 -1.90
N GLU B 388 0.03 28.77 -1.39
CA GLU B 388 1.20 28.04 -1.80
C GLU B 388 0.98 27.45 -3.20
N ASN B 389 2.06 27.31 -3.96
CA ASN B 389 1.96 26.76 -5.31
C ASN B 389 2.04 25.24 -5.36
N SER B 390 2.22 24.60 -4.21
CA SER B 390 1.98 23.17 -4.10
C SER B 390 1.40 22.93 -2.71
N TYR B 391 0.57 21.89 -2.60
CA TYR B 391 0.04 21.54 -1.29
C TYR B 391 -0.27 20.06 -1.26
N THR B 392 -0.12 19.48 -0.06
CA THR B 392 -0.27 18.04 0.16
C THR B 392 -1.50 17.79 1.01
N LEU B 393 -2.40 16.95 0.50
CA LEU B 393 -3.61 16.56 1.20
C LEU B 393 -3.53 15.08 1.54
N THR B 394 -3.95 14.74 2.75
CA THR B 394 -3.90 13.37 3.25
C THR B 394 -5.32 12.78 3.31
N GLY B 395 -5.38 11.46 3.44
CA GLY B 395 -6.68 10.85 3.65
C GLY B 395 -6.63 9.36 3.42
N THR B 396 -7.79 8.74 3.60
CA THR B 396 -7.97 7.37 3.13
C THR B 396 -8.25 7.37 1.64
N CYS B 397 -7.54 6.53 0.88
CA CYS B 397 -7.79 6.43 -0.55
C CYS B 397 -8.41 5.07 -0.86
N LEU B 398 -9.64 5.10 -1.34
CA LEU B 398 -10.29 3.88 -1.81
C LEU B 398 -9.71 3.47 -3.16
N ALA B 399 -9.69 2.17 -3.43
CA ALA B 399 -9.30 1.73 -4.77
C ALA B 399 -10.34 2.21 -5.78
N ALA B 400 -9.86 2.81 -6.88
CA ALA B 400 -10.77 3.40 -7.85
C ALA B 400 -11.50 2.31 -8.64
N ARG B 401 -12.77 2.60 -8.97
CA ARG B 401 -13.53 1.66 -9.79
C ARG B 401 -14.32 2.40 -10.87
N ASN B 402 -13.77 3.51 -11.39
CA ASN B 402 -14.35 4.16 -12.54
C ASN B 402 -13.87 3.46 -13.81
N THR B 403 -14.81 3.12 -14.69
CA THR B 403 -14.43 2.34 -15.86
C THR B 403 -15.21 2.80 -17.07
N GLN B 404 -14.55 2.78 -18.23
CA GLN B 404 -15.15 3.20 -19.48
C GLN B 404 -15.58 1.96 -20.27
N ASP B 405 -16.82 1.96 -20.75
CA ASP B 405 -17.30 0.85 -21.58
C ASP B 405 -16.62 0.87 -22.94
N SER B 406 -16.13 -0.30 -23.37
CA SER B 406 -15.37 -0.39 -24.63
C SER B 406 -16.22 -0.02 -25.84
N GLN B 407 -17.49 -0.45 -25.89
CA GLN B 407 -18.26 -0.18 -27.10
C GLN B 407 -18.87 1.22 -27.10
N THR B 408 -19.45 1.67 -25.98
CA THR B 408 -20.12 2.98 -26.01
C THR B 408 -19.19 4.14 -25.72
N GLY B 409 -18.07 3.88 -25.05
CA GLY B 409 -17.25 4.95 -24.55
C GLY B 409 -17.77 5.69 -23.33
N TYR B 410 -18.94 5.31 -22.82
CA TYR B 410 -19.47 6.00 -21.64
C TYR B 410 -18.78 5.49 -20.40
N TRP B 411 -18.72 6.35 -19.38
CA TRP B 411 -18.05 6.10 -18.13
C TRP B 411 -19.02 5.72 -17.03
N ASP B 412 -18.57 4.82 -16.14
CA ASP B 412 -19.36 4.33 -15.02
C ASP B 412 -18.50 4.52 -13.77
N ASN B 413 -18.83 5.53 -12.96
CA ASN B 413 -18.14 5.75 -11.69
C ASN B 413 -18.85 4.86 -10.68
N GLN B 414 -18.34 3.64 -10.54
CA GLN B 414 -19.08 2.56 -9.91
C GLN B 414 -19.23 2.76 -8.40
N SER B 415 -20.26 2.10 -7.86
CA SER B 415 -20.67 2.30 -6.46
C SER B 415 -19.81 1.49 -5.50
N TYR B 416 -19.72 2.00 -4.26
CA TYR B 416 -19.19 1.28 -3.11
C TYR B 416 -20.36 0.84 -2.22
N ASP B 417 -20.17 -0.26 -1.50
CA ASP B 417 -21.31 -0.85 -0.78
C ASP B 417 -21.91 0.10 0.26
N TRP B 418 -21.09 0.74 1.08
CA TRP B 418 -21.64 1.61 2.13
C TRP B 418 -20.53 2.40 2.80
N GLY B 419 -20.91 3.47 3.48
CA GLY B 419 -20.03 4.16 4.40
C GLY B 419 -19.49 5.49 3.94
N TYR B 420 -19.84 5.95 2.73
CA TYR B 420 -19.21 7.13 2.12
C TYR B 420 -20.24 8.12 1.62
N VAL B 421 -19.82 9.40 1.59
CA VAL B 421 -20.64 10.50 1.09
C VAL B 421 -20.70 10.46 -0.43
N ASP B 422 -21.83 10.91 -0.98
CA ASP B 422 -21.97 11.07 -2.43
C ASP B 422 -21.71 9.75 -3.15
N ASN B 423 -22.26 8.68 -2.59
CA ASN B 423 -22.01 7.33 -3.07
C ASN B 423 -23.33 6.59 -3.15
N PHE B 424 -23.55 5.93 -4.29
CA PHE B 424 -24.81 5.24 -4.55
C PHE B 424 -24.80 3.84 -3.91
N GLY B 425 -24.69 3.82 -2.58
CA GLY B 425 -24.52 2.60 -1.83
C GLY B 425 -25.80 2.13 -1.14
N ASN B 426 -25.62 1.30 -0.12
CA ASN B 426 -26.71 0.61 0.56
C ASN B 426 -27.16 1.34 1.82
N ASP B 427 -26.55 2.47 2.11
CA ASP B 427 -26.88 3.30 3.26
C ASP B 427 -27.45 4.65 2.82
N GLN B 428 -28.19 4.67 1.72
CA GLN B 428 -28.85 5.88 1.27
C GLN B 428 -30.19 6.05 1.98
N ILE B 429 -30.58 7.31 2.17
CA ILE B 429 -31.88 7.65 2.72
C ILE B 429 -32.79 8.03 1.57
N GLU B 430 -33.99 7.45 1.54
CA GLU B 430 -34.88 7.67 0.41
C GLU B 430 -35.20 9.15 0.23
N GLY B 431 -35.27 9.58 -1.03
CA GLY B 431 -35.67 10.95 -1.32
C GLY B 431 -35.00 11.54 -2.53
N GLY B 432 -33.80 11.07 -2.86
CA GLY B 432 -33.09 11.60 -4.00
C GLY B 432 -33.59 11.04 -5.31
N SER B 433 -33.48 11.84 -6.37
CA SER B 433 -33.83 11.36 -7.70
C SER B 433 -32.84 10.31 -8.15
N THR B 434 -33.35 9.16 -8.60
CA THR B 434 -32.47 8.16 -9.20
C THR B 434 -32.14 8.49 -10.65
N VAL B 435 -32.76 9.53 -11.21
CA VAL B 435 -32.38 10.00 -12.55
C VAL B 435 -31.17 10.93 -12.49
N ASP B 436 -31.22 11.99 -11.67
CA ASP B 436 -30.14 12.97 -11.71
C ASP B 436 -29.47 13.19 -10.36
N GLY B 437 -29.83 12.43 -9.33
CA GLY B 437 -29.14 12.53 -8.05
C GLY B 437 -29.60 13.66 -7.15
N SER B 438 -30.53 14.50 -7.60
CA SER B 438 -30.91 15.66 -6.81
C SER B 438 -31.60 15.21 -5.53
N GLY B 439 -31.11 15.71 -4.38
CA GLY B 439 -31.64 15.33 -3.09
C GLY B 439 -31.08 14.03 -2.52
N GLN B 440 -30.12 13.40 -3.18
CA GLN B 440 -29.56 12.14 -2.70
C GLN B 440 -28.91 12.32 -1.34
N ARG B 441 -29.08 11.33 -0.46
CA ARG B 441 -28.50 11.42 0.89
C ARG B 441 -27.94 10.06 1.32
N ASN B 442 -26.84 10.08 2.06
CA ASN B 442 -26.36 8.92 2.80
C ASN B 442 -26.49 9.20 4.30
N GLY B 443 -26.78 8.16 5.06
CA GLY B 443 -26.83 8.25 6.51
C GLY B 443 -25.58 7.60 7.10
N PHE B 444 -25.16 8.11 8.26
CA PHE B 444 -23.92 7.66 8.90
C PHE B 444 -24.14 7.36 10.37
N LYS B 445 -23.27 6.48 10.88
CA LYS B 445 -23.33 6.04 12.27
C LYS B 445 -22.04 6.42 12.97
N ILE B 446 -22.15 7.18 14.07
CA ILE B 446 -20.95 7.50 14.83
C ILE B 446 -20.28 6.24 15.38
N SER B 447 -21.04 5.16 15.57
CA SER B 447 -20.43 3.91 16.04
C SER B 447 -19.46 3.31 15.02
N ASN B 448 -19.46 3.76 13.78
CA ASN B 448 -18.43 3.35 12.83
C ASN B 448 -17.12 4.11 12.98
N ALA B 449 -17.02 5.02 13.95
CA ALA B 449 -15.76 5.72 14.15
C ALA B 449 -14.69 4.74 14.62
N ILE B 450 -13.48 4.89 14.06
CA ILE B 450 -12.37 4.01 14.43
C ILE B 450 -11.17 4.86 14.80
N HIS B 451 -10.30 4.26 15.63
CA HIS B 451 -8.97 4.80 15.84
C HIS B 451 -8.09 4.50 14.63
N ALA B 452 -6.90 5.12 14.62
CA ALA B 452 -6.03 5.01 13.47
C ALA B 452 -5.56 3.58 13.22
N ASP B 453 -5.62 2.69 14.21
CA ASP B 453 -5.22 1.31 14.01
C ASP B 453 -6.40 0.42 13.63
N GLY B 454 -7.58 1.01 13.43
CA GLY B 454 -8.76 0.28 13.01
C GLY B 454 -9.66 -0.20 14.14
N THR B 455 -9.25 -0.04 15.39
CA THR B 455 -10.08 -0.42 16.53
C THR B 455 -11.24 0.58 16.73
N GLU B 456 -12.24 0.15 17.50
CA GLU B 456 -13.40 1.03 17.74
C GLU B 456 -13.00 2.26 18.54
N ALA B 457 -13.47 3.44 18.11
CA ALA B 457 -13.21 4.67 18.87
C ALA B 457 -14.19 4.87 20.01
N ASN B 458 -15.41 4.32 19.92
CA ASN B 458 -16.42 4.44 20.98
C ASN B 458 -16.67 5.88 21.42
N LEU B 459 -16.87 6.75 20.45
CA LEU B 459 -17.18 8.15 20.78
C LEU B 459 -18.61 8.30 21.28
N GLN B 460 -18.78 9.10 22.34
CA GLN B 460 -20.12 9.36 22.88
C GLN B 460 -20.94 10.29 21.98
N TYR B 461 -20.28 11.12 21.19
CA TYR B 461 -20.93 12.18 20.44
C TYR B 461 -19.86 12.79 19.53
N ILE B 462 -20.29 13.67 18.63
CA ILE B 462 -19.35 14.42 17.79
C ILE B 462 -19.76 15.89 17.76
N ASP B 463 -18.79 16.73 17.45
CA ASP B 463 -19.02 18.18 17.31
C ASP B 463 -18.75 18.70 15.91
N PHE B 464 -17.87 18.07 15.15
CA PHE B 464 -17.48 18.52 13.82
C PHE B 464 -17.43 17.34 12.86
N ILE B 465 -17.64 17.64 11.58
CA ILE B 465 -17.55 16.66 10.51
C ILE B 465 -16.60 17.21 9.44
N LYS B 466 -15.74 16.34 8.92
CA LYS B 466 -14.92 16.66 7.76
C LYS B 466 -15.21 15.62 6.70
N ILE B 467 -15.53 16.07 5.48
CA ILE B 467 -15.69 15.17 4.35
C ILE B 467 -14.45 15.31 3.49
N GLN B 468 -13.85 14.16 3.12
CA GLN B 468 -12.58 14.13 2.41
C GLN B 468 -12.75 13.31 1.14
N CYS B 469 -12.51 13.91 -0.02
CA CYS B 469 -12.68 13.16 -1.25
C CYS B 469 -11.78 11.93 -1.23
N GLY B 470 -12.38 10.77 -1.48
CA GLY B 470 -11.74 9.49 -1.16
C GLY B 470 -11.12 8.69 -2.28
N VAL B 471 -11.08 9.21 -3.50
CA VAL B 471 -10.46 8.49 -4.61
C VAL B 471 -9.62 9.47 -5.41
N LEU B 472 -8.63 8.93 -6.11
CA LEU B 472 -7.75 9.70 -6.99
C LEU B 472 -7.99 9.13 -8.39
N ALA B 473 -8.85 9.79 -9.15
CA ALA B 473 -9.27 9.21 -10.42
C ALA B 473 -9.91 10.27 -11.29
N LYS B 474 -10.04 9.94 -12.57
CA LYS B 474 -10.73 10.81 -13.53
C LYS B 474 -11.32 9.95 -14.63
N SER B 475 -12.38 10.46 -15.26
CA SER B 475 -13.22 9.66 -16.16
C SER B 475 -13.47 10.40 -17.45
N GLY B 476 -12.39 10.63 -18.20
CA GLY B 476 -12.52 11.24 -19.51
C GLY B 476 -13.31 12.54 -19.48
N TRP B 477 -14.34 12.61 -20.33
CA TRP B 477 -15.09 13.86 -20.45
C TRP B 477 -15.94 14.19 -19.23
N LEU B 478 -16.00 13.29 -18.23
CA LEU B 478 -16.61 13.67 -16.96
C LEU B 478 -15.64 14.42 -16.06
N GLY B 479 -14.37 14.49 -16.43
CA GLY B 479 -13.43 15.14 -15.52
C GLY B 479 -13.12 14.28 -14.31
N GLU B 480 -12.58 14.94 -13.29
CA GLU B 480 -12.10 14.22 -12.12
C GLU B 480 -13.26 13.65 -11.31
N VAL B 481 -12.99 12.55 -10.62
CA VAL B 481 -13.91 12.03 -9.62
C VAL B 481 -13.77 12.92 -8.38
N SER B 482 -14.87 13.58 -8.02
CA SER B 482 -14.84 14.61 -6.97
C SER B 482 -16.14 14.55 -6.19
N THR B 483 -16.04 14.29 -4.89
CA THR B 483 -17.20 14.36 -4.02
C THR B 483 -17.86 15.73 -4.06
N GLU B 484 -19.20 15.76 -4.11
CA GLU B 484 -19.95 17.01 -3.85
C GLU B 484 -20.83 16.83 -2.63
N VAL B 485 -20.94 17.89 -1.82
CA VAL B 485 -21.84 17.93 -0.67
C VAL B 485 -22.78 19.12 -0.82
N PHE B 486 -23.96 19.01 -0.19
CA PHE B 486 -25.01 20.00 -0.32
C PHE B 486 -25.61 20.40 1.03
N SER B 487 -25.53 19.49 2.00
CA SER B 487 -26.10 19.77 3.33
C SER B 487 -25.60 18.71 4.30
N PHE B 488 -25.80 19.01 5.60
CA PHE B 488 -25.44 18.15 6.71
C PHE B 488 -26.54 18.28 7.76
N GLU B 489 -27.00 17.16 8.32
CA GLU B 489 -28.11 17.26 9.27
C GLU B 489 -28.07 16.18 10.33
N ASP B 490 -28.25 16.59 11.58
CA ASP B 490 -28.41 15.69 12.72
C ASP B 490 -29.78 15.01 12.67
N LEU B 491 -29.78 13.67 12.71
CA LEU B 491 -31.02 12.90 12.63
C LEU B 491 -31.52 12.44 13.99
N THR B 492 -30.85 12.81 15.08
CA THR B 492 -31.30 12.45 16.43
C THR B 492 -32.13 13.60 17.01
N LYS B 493 -32.30 13.64 18.35
CA LYS B 493 -32.97 14.70 19.18
C LYS B 493 -34.42 14.34 19.37
#